data_4MR9
#
_entry.id   4MR9
#
_cell.length_a   69.500
_cell.length_b   113.070
_cell.length_c   73.220
_cell.angle_alpha   90.000
_cell.angle_beta   96.960
_cell.angle_gamma   90.000
#
_symmetry.space_group_name_H-M   'P 1 21 1'
#
loop_
_entity.id
_entity.type
_entity.pdbx_description
1 polymer 'Gamma-aminobutyric acid type B receptor subunit 1'
2 polymer 'Gamma-aminobutyric acid type B receptor subunit 2'
3 branched alpha-D-mannopyranose-(1-4)-2-acetamido-2-deoxy-beta-D-glucopyranose-(1-4)-[alpha-L-fucopyranose-(1-6)]2-acetamido-2-deoxy-beta-D-glucopyranose
4 branched alpha-L-fucopyranose-(1-6)-2-acetamido-2-deoxy-beta-D-glucopyranose
5 non-polymer '[(2S)-5,5-dimethylmorpholin-2-yl]acetic acid'
6 non-polymer 2-acetamido-2-deoxy-beta-D-glucopyranose
7 water water
#
loop_
_entity_poly.entity_id
_entity_poly.type
_entity_poly.pdbx_seq_one_letter_code
_entity_poly.pdbx_strand_id
1 'polypeptide(L)'
;SERRAVYIGALFPMSGGWPGGQACQPAVEMALEDVNSRRDILPDYELKLIHHDSKCDPGQATKYLYELLYNDPIKIILMP
GCSSVSTLVAEAARMWNLIVLSYGSSSPALSNRQRFPTFFRTHPSATLHNPTRVKLFEKWGWKKIATIQQTTEVFTSTLD
DLEERVKEAGIEITFRQSFFSDPAVPVKNLKRQDARIIVGLFYETEARKVFCEVYKERLFGKKYVWFLIGWYADNWFKIY
DPSINCTVDEMTEAVEGHITTEIVMLNPANTRSISNMTSQEFVEKLTKRLKRHPEETGGFQEAPLAYDAIWALALALNKT
SGGGGRSGVRLEDFNYNNQTITDQIYRAMNSSSFEGVSGHVVFDASGSRMAWTLIEQLQGGSYKKIGYYDSTKDDLSWSK
TDKWIGGSPPADDYKDDDDK
;
A
2 'polypeptide(L)'
;WARGAPRPPPSSPPLSIMGLMPLTKEVAKGSIGRGVLPAVELAIEQIRNESLLRPYFLDLRLYDTECDNAKGLKAFYDAI
KYGPNHLMVFGGVCPSVTSIIAESLQGWNLVQLSFAATTPVLADKKKYPYFFRTVPSDNAVNPAILKLLKHYQWKRVGTL
TQDVQRFSEVRNDLTGVLYGEDIEISDTESFSNDPCTSVKKLKGNDVRIILGQFDQNMAAKVFCCAYEENMYGSKYQWII
PGWYEPSWWEQVHTEANSSRCLRKNLLAAMEGYIGVDFEPLSSKQIKTISGKTPQQYEREYNNKRSGVGPSKFHGYAYDG
IWVIAKTLQRAMETLHASSRHQRIQDFNYTDHTLGRIILNAMNETNFFGVTGQVVFRNGERMGTIKFTQFQDSREVKVGE
YNAVADTLEIINDTIRFQGSEPPKDDYKDDDDK
;
B
#
loop_
_chem_comp.id
_chem_comp.type
_chem_comp.name
_chem_comp.formula
2BX non-polymer '[(2S)-5,5-dimethylmorpholin-2-yl]acetic acid' 'C8 H15 N O3'
FUC L-saccharide, alpha linking alpha-L-fucopyranose 'C6 H12 O5'
MAN D-saccharide, alpha linking alpha-D-mannopyranose 'C6 H12 O6'
NAG D-saccharide, beta linking 2-acetamido-2-deoxy-beta-D-glucopyranose 'C8 H15 N O6'
#
# COMPACT_ATOMS: atom_id res chain seq x y z
N SER A 1 45.05 -19.06 -5.97
CA SER A 1 44.90 -20.51 -6.16
C SER A 1 43.52 -20.95 -5.77
N GLU A 2 42.94 -20.22 -4.83
CA GLU A 2 41.64 -20.48 -4.21
C GLU A 2 40.52 -19.50 -4.62
N ARG A 3 39.46 -20.02 -5.28
CA ARG A 3 38.30 -19.22 -5.69
C ARG A 3 37.46 -18.89 -4.46
N ARG A 4 37.27 -17.58 -4.17
CA ARG A 4 36.49 -17.14 -3.02
C ARG A 4 34.99 -17.13 -3.33
N ALA A 5 34.18 -17.77 -2.45
CA ALA A 5 32.71 -17.78 -2.59
C ALA A 5 32.10 -16.41 -2.28
N VAL A 6 31.25 -15.93 -3.20
CA VAL A 6 30.51 -14.67 -3.12
C VAL A 6 29.01 -15.06 -3.24
N TYR A 7 28.17 -14.54 -2.30
CA TYR A 7 26.76 -14.93 -2.18
C TYR A 7 25.65 -13.94 -2.53
N ILE A 8 24.64 -14.47 -3.24
CA ILE A 8 23.40 -13.81 -3.65
C ILE A 8 22.31 -14.27 -2.71
N GLY A 9 21.53 -13.30 -2.20
CA GLY A 9 20.37 -13.52 -1.36
C GLY A 9 19.14 -13.38 -2.22
N ALA A 10 18.51 -14.50 -2.58
CA ALA A 10 17.37 -14.44 -3.46
C ALA A 10 16.07 -14.81 -2.80
N LEU A 11 14.99 -14.30 -3.38
CA LEU A 11 13.63 -14.61 -2.97
C LEU A 11 12.89 -15.04 -4.20
N PHE A 12 12.23 -16.22 -4.15
CA PHE A 12 11.50 -16.76 -5.31
C PHE A 12 10.03 -17.01 -5.00
N PRO A 13 9.11 -16.38 -5.74
CA PRO A 13 7.70 -16.67 -5.49
C PRO A 13 7.26 -18.05 -6.04
N MET A 14 7.23 -19.10 -5.19
CA MET A 14 6.81 -20.45 -5.66
C MET A 14 5.30 -20.58 -5.74
N SER A 15 4.59 -19.70 -5.03
CA SER A 15 3.13 -19.59 -5.02
C SER A 15 2.75 -18.09 -4.97
N GLY A 16 1.45 -17.82 -4.86
CA GLY A 16 0.86 -16.49 -4.74
C GLY A 16 0.46 -15.92 -6.08
N GLY A 17 0.22 -14.60 -6.09
CA GLY A 17 -0.19 -13.78 -7.24
C GLY A 17 0.56 -14.01 -8.54
N TRP A 18 1.89 -13.98 -8.49
CA TRP A 18 2.75 -14.30 -9.63
C TRP A 18 3.73 -15.37 -9.15
N PRO A 19 3.43 -16.69 -9.35
CA PRO A 19 4.34 -17.73 -8.87
C PRO A 19 5.49 -17.96 -9.84
N GLY A 20 6.21 -16.87 -10.12
CA GLY A 20 7.31 -16.80 -11.07
C GLY A 20 8.57 -17.56 -10.75
N GLY A 21 8.78 -17.84 -9.46
CA GLY A 21 9.95 -18.56 -8.98
C GLY A 21 10.07 -19.97 -9.50
N GLN A 22 8.93 -20.57 -9.90
CA GLN A 22 8.81 -21.92 -10.46
C GLN A 22 9.78 -22.18 -11.63
N ALA A 23 9.91 -21.21 -12.56
CA ALA A 23 10.82 -21.26 -13.71
C ALA A 23 12.04 -20.36 -13.55
N CYS A 24 11.94 -19.35 -12.67
CA CYS A 24 13.04 -18.42 -12.39
C CYS A 24 14.12 -18.96 -11.45
N GLN A 25 13.77 -19.83 -10.48
CA GLN A 25 14.82 -20.44 -9.65
C GLN A 25 15.73 -21.37 -10.54
N PRO A 26 15.19 -22.34 -11.34
CA PRO A 26 16.08 -23.14 -12.23
C PRO A 26 16.86 -22.31 -13.25
N ALA A 27 16.23 -21.25 -13.83
CA ALA A 27 16.86 -20.32 -14.80
C ALA A 27 18.06 -19.60 -14.19
N VAL A 28 17.97 -19.25 -12.88
CA VAL A 28 19.03 -18.60 -12.07
C VAL A 28 20.14 -19.63 -11.82
N GLU A 29 19.76 -20.86 -11.45
CA GLU A 29 20.63 -22.01 -11.15
C GLU A 29 21.49 -22.39 -12.39
N MET A 30 20.86 -22.39 -13.57
CA MET A 30 21.50 -22.60 -14.88
C MET A 30 22.51 -21.47 -15.15
N ALA A 31 22.08 -20.21 -14.96
CA ALA A 31 22.94 -19.04 -15.17
C ALA A 31 24.17 -19.04 -14.26
N LEU A 32 24.05 -19.53 -12.99
CA LEU A 32 25.18 -19.61 -12.05
C LEU A 32 26.20 -20.68 -12.48
N GLU A 33 25.72 -21.83 -12.99
CA GLU A 33 26.54 -22.91 -13.53
C GLU A 33 27.35 -22.39 -14.73
N ASP A 34 26.67 -21.70 -15.68
CA ASP A 34 27.25 -21.09 -16.88
C ASP A 34 28.27 -20.00 -16.59
N VAL A 35 28.04 -19.16 -15.56
CA VAL A 35 28.94 -18.07 -15.17
C VAL A 35 30.18 -18.64 -14.48
N ASN A 36 29.98 -19.57 -13.55
CA ASN A 36 31.07 -20.18 -12.79
C ASN A 36 32.00 -21.05 -13.66
N SER A 37 31.48 -21.67 -14.74
CA SER A 37 32.27 -22.51 -15.64
C SER A 37 33.10 -21.67 -16.64
N ARG A 38 32.73 -20.38 -16.84
CA ARG A 38 33.44 -19.45 -17.70
C ARG A 38 34.58 -18.85 -16.91
N ARG A 39 35.82 -19.10 -17.35
CA ARG A 39 37.01 -18.60 -16.68
C ARG A 39 37.34 -17.14 -17.02
N ASP A 40 36.70 -16.59 -18.06
CA ASP A 40 36.86 -15.20 -18.48
C ASP A 40 35.92 -14.23 -17.73
N ILE A 41 34.93 -14.78 -17.00
CA ILE A 41 34.00 -13.94 -16.20
C ILE A 41 34.55 -13.59 -14.82
N LEU A 42 34.46 -14.48 -13.82
CA LEU A 42 34.97 -14.16 -12.48
C LEU A 42 35.95 -15.26 -12.09
N PRO A 43 37.20 -15.25 -12.63
CA PRO A 43 38.14 -16.36 -12.33
C PRO A 43 38.49 -16.57 -10.86
N ASP A 44 38.62 -15.47 -10.10
CA ASP A 44 38.99 -15.44 -8.68
C ASP A 44 37.81 -15.72 -7.72
N TYR A 45 36.58 -15.72 -8.27
CA TYR A 45 35.37 -15.89 -7.48
C TYR A 45 34.42 -16.96 -7.94
N GLU A 46 33.64 -17.49 -6.99
CA GLU A 46 32.58 -18.48 -7.23
C GLU A 46 31.22 -17.90 -6.70
N LEU A 47 30.30 -17.57 -7.60
CA LEU A 47 28.99 -17.01 -7.27
C LEU A 47 28.06 -18.11 -6.77
N LYS A 48 27.59 -17.96 -5.52
CA LYS A 48 26.71 -18.91 -4.85
C LYS A 48 25.31 -18.33 -4.50
N LEU A 49 24.30 -19.22 -4.52
CA LEU A 49 22.93 -18.85 -4.24
C LEU A 49 22.40 -19.35 -2.92
N ILE A 50 21.82 -18.43 -2.13
CA ILE A 50 21.08 -18.68 -0.90
C ILE A 50 19.71 -18.09 -1.18
N HIS A 51 18.67 -18.92 -1.10
CA HIS A 51 17.33 -18.51 -1.46
C HIS A 51 16.23 -18.99 -0.52
N HIS A 52 15.08 -18.30 -0.58
CA HIS A 52 13.87 -18.63 0.16
C HIS A 52 12.64 -18.41 -0.72
N ASP A 53 11.51 -19.06 -0.38
CA ASP A 53 10.25 -18.91 -1.11
C ASP A 53 9.45 -17.78 -0.43
N SER A 54 9.20 -16.68 -1.17
CA SER A 54 8.52 -15.50 -0.64
C SER A 54 7.03 -15.69 -0.64
N LYS A 55 6.54 -16.64 -1.47
CA LYS A 55 5.12 -16.94 -1.70
C LYS A 55 4.43 -15.70 -2.31
N CYS A 56 5.23 -14.75 -2.88
CA CYS A 56 4.78 -13.50 -3.53
C CYS A 56 4.11 -12.63 -2.44
N ASP A 57 4.61 -12.76 -1.21
CA ASP A 57 4.02 -12.14 -0.03
C ASP A 57 5.00 -11.31 0.80
N PRO A 58 4.83 -9.96 0.87
CA PRO A 58 5.77 -9.13 1.65
C PRO A 58 5.94 -9.48 3.13
N GLY A 59 4.89 -9.94 3.77
CA GLY A 59 4.94 -10.35 5.18
C GLY A 59 5.83 -11.57 5.34
N GLN A 60 5.65 -12.55 4.43
CA GLN A 60 6.44 -13.80 4.34
C GLN A 60 7.89 -13.48 4.01
N ALA A 61 8.09 -12.50 3.11
CA ALA A 61 9.40 -12.02 2.62
C ALA A 61 10.20 -11.30 3.73
N THR A 62 9.49 -10.67 4.69
CA THR A 62 10.07 -9.93 5.83
C THR A 62 10.80 -10.92 6.75
N LYS A 63 10.25 -12.15 6.91
CA LYS A 63 10.85 -13.22 7.70
C LYS A 63 12.18 -13.68 7.02
N TYR A 64 12.15 -13.87 5.70
CA TYR A 64 13.28 -14.33 4.94
C TYR A 64 14.36 -13.31 4.69
N LEU A 65 13.98 -12.01 4.60
CA LEU A 65 14.95 -10.94 4.46
C LEU A 65 15.81 -10.90 5.73
N TYR A 66 15.19 -11.09 6.91
CA TYR A 66 15.90 -11.14 8.19
C TYR A 66 16.89 -12.29 8.14
N GLU A 67 16.41 -13.49 7.72
CA GLU A 67 17.17 -14.72 7.63
C GLU A 67 18.38 -14.59 6.74
N LEU A 68 18.25 -13.85 5.64
CA LEU A 68 19.33 -13.57 4.68
C LEU A 68 20.38 -12.58 5.25
N LEU A 69 19.93 -11.53 5.96
CA LEU A 69 20.79 -10.48 6.52
C LEU A 69 21.41 -10.78 7.86
N TYR A 70 20.68 -11.52 8.72
CA TYR A 70 21.13 -11.81 10.08
C TYR A 70 21.83 -13.14 10.29
N ASN A 71 22.09 -13.84 9.18
CA ASN A 71 22.87 -15.09 9.17
C ASN A 71 24.03 -15.02 8.20
N ASP A 72 25.15 -15.66 8.61
CA ASP A 72 26.35 -15.81 7.81
C ASP A 72 25.99 -16.85 6.73
N PRO A 73 26.47 -16.69 5.49
CA PRO A 73 27.44 -15.68 5.02
C PRO A 73 26.83 -14.33 4.61
N ILE A 74 27.66 -13.28 4.61
CA ILE A 74 27.32 -11.95 4.14
C ILE A 74 26.97 -12.10 2.64
N LYS A 75 25.82 -11.55 2.23
CA LYS A 75 25.38 -11.56 0.85
C LYS A 75 25.76 -10.21 0.24
N ILE A 76 26.15 -10.20 -1.04
CA ILE A 76 26.59 -8.96 -1.73
C ILE A 76 25.46 -8.31 -2.51
N ILE A 77 24.43 -9.08 -2.81
CA ILE A 77 23.28 -8.62 -3.57
C ILE A 77 22.03 -9.36 -3.11
N LEU A 78 20.87 -8.68 -3.26
CA LEU A 78 19.56 -9.23 -2.98
C LEU A 78 18.84 -9.35 -4.28
N MET A 79 18.13 -10.49 -4.48
CA MET A 79 17.40 -10.80 -5.69
C MET A 79 15.90 -11.20 -5.48
N PRO A 80 14.98 -10.20 -5.43
CA PRO A 80 13.56 -10.53 -5.28
C PRO A 80 12.84 -10.66 -6.62
N GLY A 81 11.69 -11.32 -6.65
CA GLY A 81 10.89 -11.50 -7.86
C GLY A 81 9.67 -10.60 -8.00
N CYS A 82 8.63 -10.78 -7.11
CA CYS A 82 7.37 -10.01 -7.08
C CYS A 82 7.61 -8.53 -6.79
N SER A 83 6.82 -7.66 -7.41
CA SER A 83 6.80 -6.20 -7.20
C SER A 83 6.59 -5.81 -5.75
N SER A 84 5.66 -6.49 -5.01
CA SER A 84 5.39 -6.20 -3.60
C SER A 84 6.57 -6.62 -2.73
N VAL A 85 7.25 -7.72 -3.09
CA VAL A 85 8.42 -8.18 -2.33
C VAL A 85 9.61 -7.21 -2.60
N SER A 86 9.77 -6.80 -3.88
CA SER A 86 10.78 -5.84 -4.32
C SER A 86 10.61 -4.46 -3.67
N THR A 87 9.37 -3.98 -3.44
CA THR A 87 9.14 -2.67 -2.82
C THR A 87 9.61 -2.72 -1.37
N LEU A 88 9.32 -3.83 -0.67
CA LEU A 88 9.78 -4.04 0.67
C LEU A 88 11.32 -4.14 0.75
N VAL A 89 11.94 -5.06 -0.05
CA VAL A 89 13.39 -5.28 0.01
C VAL A 89 14.24 -4.12 -0.53
N ALA A 90 13.81 -3.50 -1.62
CA ALA A 90 14.55 -2.37 -2.19
C ALA A 90 14.52 -1.10 -1.33
N GLU A 91 13.46 -0.90 -0.52
CA GLU A 91 13.43 0.26 0.39
C GLU A 91 14.30 0.00 1.62
N ALA A 92 14.23 -1.24 2.18
CA ALA A 92 15.00 -1.68 3.36
C ALA A 92 16.53 -1.73 3.10
N ALA A 93 16.93 -2.17 1.90
CA ALA A 93 18.28 -2.40 1.43
C ALA A 93 19.35 -1.38 1.79
N ARG A 94 19.03 -0.07 1.71
CA ARG A 94 19.95 1.03 2.03
C ARG A 94 20.58 0.94 3.42
N MET A 95 19.86 0.33 4.37
CA MET A 95 20.34 0.16 5.74
C MET A 95 21.45 -0.86 5.89
N TRP A 96 21.65 -1.68 4.86
CA TRP A 96 22.70 -2.70 4.80
C TRP A 96 23.61 -2.49 3.59
N ASN A 97 23.46 -1.35 2.88
CA ASN A 97 24.26 -0.99 1.70
C ASN A 97 24.26 -2.10 0.68
N LEU A 98 23.07 -2.54 0.30
CA LEU A 98 22.90 -3.62 -0.66
C LEU A 98 22.24 -3.18 -1.97
N ILE A 99 22.77 -3.70 -3.07
CA ILE A 99 22.21 -3.59 -4.41
C ILE A 99 21.03 -4.59 -4.45
N VAL A 100 19.96 -4.19 -5.09
CA VAL A 100 18.80 -5.03 -5.24
C VAL A 100 18.56 -5.22 -6.72
N LEU A 101 18.51 -6.47 -7.14
CA LEU A 101 18.27 -6.75 -8.53
C LEU A 101 17.09 -7.66 -8.70
N SER A 102 16.02 -7.15 -9.31
CA SER A 102 14.83 -7.95 -9.52
C SER A 102 14.75 -8.52 -10.91
N TYR A 103 14.25 -9.76 -11.02
CA TYR A 103 14.10 -10.44 -12.30
C TYR A 103 12.61 -10.44 -12.73
N GLY A 104 11.69 -10.05 -11.84
CA GLY A 104 10.28 -10.09 -12.21
C GLY A 104 9.36 -8.92 -11.88
N SER A 105 9.86 -7.84 -11.29
CA SER A 105 9.00 -6.72 -10.89
C SER A 105 8.68 -5.72 -12.00
N SER A 106 7.39 -5.56 -12.31
CA SER A 106 6.91 -4.64 -13.36
C SER A 106 6.36 -3.30 -12.82
N SER A 107 6.20 -3.16 -11.49
CA SER A 107 5.66 -1.99 -10.84
C SER A 107 6.36 -0.68 -11.22
N PRO A 108 5.63 0.28 -11.83
CA PRO A 108 6.24 1.58 -12.16
C PRO A 108 6.85 2.35 -11.00
N ALA A 109 6.29 2.18 -9.78
CA ALA A 109 6.75 2.84 -8.53
C ALA A 109 8.18 2.46 -8.13
N LEU A 110 8.69 1.33 -8.65
CA LEU A 110 10.03 0.87 -8.36
C LEU A 110 11.11 1.66 -9.12
N SER A 111 10.69 2.58 -10.00
CA SER A 111 11.58 3.46 -10.75
C SER A 111 11.95 4.77 -9.99
N ASN A 112 11.54 4.89 -8.71
CA ASN A 112 11.84 6.01 -7.82
C ASN A 112 13.23 5.82 -7.14
N ARG A 113 14.21 6.64 -7.53
CA ARG A 113 15.58 6.56 -6.98
C ARG A 113 15.77 7.07 -5.57
N GLN A 114 14.90 7.98 -5.12
CA GLN A 114 14.98 8.55 -3.77
C GLN A 114 14.61 7.46 -2.78
N ARG A 115 13.59 6.69 -3.16
CA ARG A 115 13.06 5.63 -2.35
C ARG A 115 13.77 4.29 -2.51
N PHE A 116 14.22 3.99 -3.75
CA PHE A 116 14.91 2.74 -4.07
C PHE A 116 16.26 3.11 -4.69
N PRO A 117 17.21 3.54 -3.82
CA PRO A 117 18.51 4.03 -4.31
C PRO A 117 19.47 3.04 -4.97
N THR A 118 19.43 1.73 -4.61
CA THR A 118 20.31 0.70 -5.17
C THR A 118 19.57 -0.35 -6.01
N PHE A 119 18.39 0.00 -6.53
CA PHE A 119 17.53 -0.92 -7.27
C PHE A 119 17.75 -1.00 -8.80
N PHE A 120 17.81 -2.24 -9.32
CA PHE A 120 17.92 -2.59 -10.72
C PHE A 120 16.94 -3.72 -11.01
N ARG A 121 16.52 -3.84 -12.26
CA ARG A 121 15.58 -4.87 -12.68
C ARG A 121 15.74 -5.23 -14.14
N THR A 122 15.89 -6.53 -14.46
CA THR A 122 16.00 -7.02 -15.86
C THR A 122 14.65 -7.13 -16.46
N HIS A 123 13.63 -7.00 -15.60
CA HIS A 123 12.25 -6.92 -15.98
C HIS A 123 11.93 -5.44 -16.18
N PRO A 124 11.38 -5.05 -17.32
CA PRO A 124 11.02 -3.63 -17.50
C PRO A 124 9.82 -3.23 -16.68
N SER A 125 9.66 -1.92 -16.51
CA SER A 125 8.53 -1.27 -15.86
C SER A 125 7.31 -1.42 -16.75
N ALA A 126 6.09 -1.49 -16.16
CA ALA A 126 4.81 -1.54 -16.89
C ALA A 126 4.67 -0.28 -17.81
N THR A 127 5.41 0.80 -17.50
CA THR A 127 5.46 2.04 -18.28
C THR A 127 6.11 1.86 -19.65
N LEU A 128 6.88 0.78 -19.87
CA LEU A 128 7.49 0.48 -21.17
C LEU A 128 6.44 0.30 -22.29
N HIS A 129 5.17 0.06 -21.91
CA HIS A 129 4.07 -0.07 -22.87
C HIS A 129 3.67 1.28 -23.49
N ASN A 130 3.86 2.38 -22.72
CA ASN A 130 3.57 3.76 -23.09
C ASN A 130 4.33 4.33 -24.32
N PRO A 131 5.68 4.25 -24.46
CA PRO A 131 6.32 4.74 -25.70
C PRO A 131 5.81 4.06 -26.98
N THR A 132 5.43 2.79 -26.87
CA THR A 132 4.87 1.99 -27.96
C THR A 132 3.45 2.50 -28.25
N ARG A 133 2.70 2.84 -27.20
CA ARG A 133 1.35 3.36 -27.34
C ARG A 133 1.37 4.71 -28.06
N VAL A 134 2.25 5.65 -27.62
CA VAL A 134 2.40 6.96 -28.25
C VAL A 134 2.82 6.85 -29.70
N LYS A 135 3.78 5.95 -30.01
CA LYS A 135 4.25 5.71 -31.37
C LYS A 135 3.14 5.14 -32.28
N LEU A 136 2.21 4.32 -31.73
CA LEU A 136 1.11 3.77 -32.51
C LEU A 136 0.06 4.84 -32.83
N PHE A 137 -0.10 5.81 -31.91
CA PHE A 137 -1.01 6.94 -32.08
C PHE A 137 -0.44 7.87 -33.16
N GLU A 138 0.89 8.10 -33.13
CA GLU A 138 1.66 8.92 -34.07
C GLU A 138 1.62 8.31 -35.48
N LYS A 139 1.73 6.97 -35.57
CA LYS A 139 1.70 6.21 -36.83
C LYS A 139 0.32 6.35 -37.49
N TRP A 140 -0.75 6.15 -36.70
CA TRP A 140 -2.13 6.24 -37.18
C TRP A 140 -2.77 7.63 -37.03
N GLY A 141 -1.93 8.62 -36.73
CA GLY A 141 -2.27 10.04 -36.61
C GLY A 141 -3.43 10.37 -35.69
N TRP A 142 -3.34 9.95 -34.41
CA TRP A 142 -4.36 10.24 -33.40
C TRP A 142 -3.79 11.14 -32.32
N LYS A 143 -4.54 12.18 -31.94
CA LYS A 143 -4.13 13.16 -30.93
C LYS A 143 -5.13 13.25 -29.76
N LYS A 144 -6.27 12.51 -29.86
CA LYS A 144 -7.32 12.47 -28.83
C LYS A 144 -7.50 11.03 -28.36
N ILE A 145 -7.16 10.74 -27.07
CA ILE A 145 -7.22 9.39 -26.48
C ILE A 145 -8.02 9.28 -25.18
N ALA A 146 -8.80 8.20 -25.06
CA ALA A 146 -9.60 7.88 -23.87
C ALA A 146 -8.90 6.76 -23.07
N THR A 147 -9.00 6.79 -21.72
CA THR A 147 -8.36 5.79 -20.87
C THR A 147 -9.28 5.26 -19.77
N ILE A 148 -9.50 3.93 -19.73
CA ILE A 148 -10.28 3.23 -18.69
C ILE A 148 -9.36 2.32 -17.85
N GLN A 149 -9.45 2.41 -16.51
CA GLN A 149 -8.59 1.60 -15.66
C GLN A 149 -9.26 0.93 -14.48
N GLN A 150 -8.70 -0.21 -14.06
CA GLN A 150 -9.13 -0.88 -12.84
C GLN A 150 -8.34 -0.15 -11.73
N THR A 151 -8.98 0.06 -10.56
CA THR A 151 -8.37 0.76 -9.45
C THR A 151 -7.28 -0.06 -8.71
N THR A 152 -6.06 -0.05 -9.27
CA THR A 152 -4.83 -0.71 -8.76
C THR A 152 -3.69 0.28 -8.98
N GLU A 153 -2.71 0.27 -8.08
CA GLU A 153 -1.53 1.11 -8.10
C GLU A 153 -0.76 1.04 -9.42
N VAL A 154 -0.52 -0.19 -9.92
CA VAL A 154 0.20 -0.40 -11.19
C VAL A 154 -0.48 0.28 -12.38
N PHE A 155 -1.81 0.21 -12.48
CA PHE A 155 -2.55 0.83 -13.57
C PHE A 155 -2.65 2.36 -13.44
N THR A 156 -2.76 2.86 -12.20
CA THR A 156 -2.79 4.29 -11.89
C THR A 156 -1.43 4.93 -12.33
N SER A 157 -0.29 4.35 -11.86
CA SER A 157 1.07 4.77 -12.17
C SER A 157 1.36 4.67 -13.67
N THR A 158 0.77 3.67 -14.38
CA THR A 158 0.99 3.49 -15.81
C THR A 158 0.28 4.60 -16.56
N LEU A 159 -0.94 4.95 -16.13
CA LEU A 159 -1.72 6.04 -16.75
C LEU A 159 -1.07 7.39 -16.48
N ASP A 160 -0.51 7.60 -15.26
CA ASP A 160 0.20 8.82 -14.87
C ASP A 160 1.41 9.07 -15.77
N ASP A 161 2.11 7.99 -16.16
CA ASP A 161 3.23 8.05 -17.08
C ASP A 161 2.71 8.32 -18.49
N LEU A 162 1.58 7.69 -18.87
CA LEU A 162 0.97 7.88 -20.20
C LEU A 162 0.62 9.35 -20.47
N GLU A 163 0.18 10.06 -19.41
CA GLU A 163 -0.15 11.49 -19.41
C GLU A 163 1.03 12.34 -19.81
N GLU A 164 2.18 12.22 -19.10
CA GLU A 164 3.38 13.00 -19.39
C GLU A 164 4.02 12.67 -20.75
N ARG A 165 3.82 11.43 -21.23
CA ARG A 165 4.37 10.97 -22.51
C ARG A 165 3.54 11.40 -23.72
N VAL A 166 2.20 11.55 -23.56
CA VAL A 166 1.33 12.02 -24.65
C VAL A 166 1.52 13.55 -24.87
N LYS A 167 1.73 14.31 -23.78
CA LYS A 167 1.98 15.75 -23.78
C LYS A 167 3.24 16.09 -24.59
N GLU A 168 4.28 15.24 -24.47
CA GLU A 168 5.55 15.37 -25.20
C GLU A 168 5.39 15.20 -26.71
N ALA A 169 4.35 14.45 -27.15
CA ALA A 169 4.09 14.15 -28.56
C ALA A 169 2.95 14.96 -29.20
N GLY A 170 2.37 15.89 -28.43
CA GLY A 170 1.26 16.73 -28.89
C GLY A 170 -0.06 15.98 -28.99
N ILE A 171 -0.26 15.02 -28.08
CA ILE A 171 -1.46 14.18 -27.98
C ILE A 171 -2.11 14.45 -26.61
N GLU A 172 -3.45 14.44 -26.52
CA GLU A 172 -4.14 14.71 -25.27
C GLU A 172 -5.12 13.62 -24.85
N ILE A 173 -5.23 13.42 -23.53
CA ILE A 173 -6.15 12.45 -22.95
C ILE A 173 -7.50 13.14 -22.77
N THR A 174 -8.48 12.74 -23.59
CA THR A 174 -9.83 13.30 -23.60
C THR A 174 -10.58 12.97 -22.33
N PHE A 175 -10.77 11.66 -22.06
CA PHE A 175 -11.53 11.20 -20.90
C PHE A 175 -10.84 10.06 -20.16
N ARG A 176 -10.85 10.14 -18.83
CA ARG A 176 -10.25 9.14 -17.96
C ARG A 176 -11.28 8.58 -17.01
N GLN A 177 -11.58 7.29 -17.16
CA GLN A 177 -12.55 6.56 -16.33
C GLN A 177 -11.88 5.44 -15.50
N SER A 178 -12.50 5.07 -14.37
CA SER A 178 -11.99 4.02 -13.47
C SER A 178 -13.09 3.24 -12.74
N PHE A 179 -12.76 2.01 -12.33
CA PHE A 179 -13.65 1.12 -11.60
C PHE A 179 -12.86 0.24 -10.64
N PHE A 180 -13.50 -0.23 -9.57
CA PHE A 180 -12.80 -1.10 -8.62
C PHE A 180 -12.90 -2.58 -9.02
N SER A 181 -14.13 -3.06 -9.26
CA SER A 181 -14.43 -4.45 -9.61
C SER A 181 -15.50 -4.53 -10.70
N ASP A 182 -16.48 -3.60 -10.67
CA ASP A 182 -17.55 -3.57 -11.66
C ASP A 182 -17.40 -2.44 -12.67
N PRO A 183 -17.25 -2.81 -13.96
CA PRO A 183 -17.05 -1.79 -15.01
C PRO A 183 -18.25 -1.26 -15.83
N ALA A 184 -19.52 -1.47 -15.41
CA ALA A 184 -20.65 -0.97 -16.22
C ALA A 184 -20.67 0.55 -16.47
N VAL A 185 -20.44 1.34 -15.41
CA VAL A 185 -20.46 2.80 -15.48
C VAL A 185 -19.38 3.44 -16.37
N PRO A 186 -18.06 3.09 -16.27
CA PRO A 186 -17.06 3.73 -17.14
C PRO A 186 -17.25 3.36 -18.62
N VAL A 187 -17.78 2.15 -18.89
CA VAL A 187 -18.06 1.66 -20.25
C VAL A 187 -19.24 2.46 -20.85
N LYS A 188 -20.32 2.65 -20.05
CA LYS A 188 -21.51 3.46 -20.36
C LYS A 188 -21.05 4.92 -20.63
N ASN A 189 -20.13 5.45 -19.76
CA ASN A 189 -19.57 6.80 -19.88
C ASN A 189 -18.67 6.97 -21.12
N LEU A 190 -18.12 5.86 -21.66
CA LEU A 190 -17.26 5.88 -22.84
C LEU A 190 -18.05 6.00 -24.15
N LYS A 191 -19.26 5.39 -24.18
CA LYS A 191 -20.19 5.50 -25.31
C LYS A 191 -20.77 6.94 -25.32
N ARG A 192 -21.12 7.43 -24.12
CA ARG A 192 -21.67 8.75 -23.78
C ARG A 192 -20.81 9.88 -24.35
N GLN A 193 -19.49 9.84 -24.11
CA GLN A 193 -18.55 10.87 -24.54
C GLN A 193 -18.03 10.70 -25.97
N ASP A 194 -18.56 9.69 -26.70
CA ASP A 194 -18.21 9.32 -28.09
C ASP A 194 -16.70 9.06 -28.26
N ALA A 195 -16.12 8.31 -27.30
CA ALA A 195 -14.70 7.94 -27.26
C ALA A 195 -14.39 6.89 -28.34
N ARG A 196 -13.31 7.10 -29.11
CA ARG A 196 -12.96 6.19 -30.21
C ARG A 196 -11.69 5.36 -29.94
N ILE A 197 -10.56 6.02 -29.61
CA ILE A 197 -9.30 5.36 -29.30
C ILE A 197 -9.24 5.17 -27.75
N ILE A 198 -9.36 3.90 -27.27
CA ILE A 198 -9.42 3.58 -25.82
C ILE A 198 -8.33 2.64 -25.24
N VAL A 199 -7.51 3.17 -24.32
CA VAL A 199 -6.49 2.41 -23.61
C VAL A 199 -7.13 1.83 -22.33
N GLY A 200 -7.23 0.51 -22.27
CA GLY A 200 -7.80 -0.22 -21.14
C GLY A 200 -6.77 -0.98 -20.32
N LEU A 201 -6.56 -0.58 -19.05
CA LEU A 201 -5.62 -1.18 -18.08
C LEU A 201 -6.32 -1.88 -16.91
N PHE A 202 -6.35 -3.22 -16.97
CA PHE A 202 -7.00 -4.07 -15.96
C PHE A 202 -6.45 -5.49 -16.02
N TYR A 203 -6.72 -6.30 -15.01
CA TYR A 203 -6.33 -7.71 -15.02
C TYR A 203 -7.33 -8.54 -15.83
N GLU A 204 -6.95 -9.78 -16.20
CA GLU A 204 -7.72 -10.73 -17.01
C GLU A 204 -9.18 -10.96 -16.60
N THR A 205 -9.46 -11.12 -15.30
CA THR A 205 -10.82 -11.30 -14.76
C THR A 205 -11.69 -10.07 -15.05
N GLU A 206 -11.11 -8.86 -14.85
CA GLU A 206 -11.76 -7.57 -15.05
C GLU A 206 -11.92 -7.24 -16.53
N ALA A 207 -10.97 -7.72 -17.37
CA ALA A 207 -10.96 -7.56 -18.83
C ALA A 207 -12.20 -8.21 -19.43
N ARG A 208 -12.57 -9.38 -18.90
CA ARG A 208 -13.74 -10.14 -19.30
C ARG A 208 -15.03 -9.40 -19.03
N LYS A 209 -15.11 -8.77 -17.84
CA LYS A 209 -16.22 -7.95 -17.37
C LYS A 209 -16.31 -6.71 -18.26
N VAL A 210 -15.15 -6.05 -18.53
CA VAL A 210 -15.08 -4.86 -19.39
C VAL A 210 -15.65 -5.15 -20.77
N PHE A 211 -15.15 -6.24 -21.41
CA PHE A 211 -15.55 -6.65 -22.75
C PHE A 211 -16.97 -7.17 -22.93
N CYS A 212 -17.59 -7.64 -21.83
CA CYS A 212 -19.00 -8.01 -21.88
C CYS A 212 -19.83 -6.73 -21.88
N GLU A 213 -19.41 -5.73 -21.07
CA GLU A 213 -20.06 -4.42 -21.03
C GLU A 213 -19.85 -3.68 -22.37
N VAL A 214 -18.66 -3.88 -23.00
CA VAL A 214 -18.29 -3.31 -24.30
C VAL A 214 -19.24 -3.83 -25.37
N TYR A 215 -19.68 -5.10 -25.20
CA TYR A 215 -20.61 -5.69 -26.13
C TYR A 215 -21.97 -5.00 -26.09
N LYS A 216 -22.63 -5.01 -24.93
CA LYS A 216 -23.95 -4.43 -24.66
C LYS A 216 -24.09 -3.00 -25.18
N GLU A 217 -23.09 -2.14 -24.90
CA GLU A 217 -23.05 -0.74 -25.33
C GLU A 217 -22.58 -0.58 -26.79
N ARG A 218 -22.28 -1.71 -27.47
CA ARG A 218 -21.78 -1.78 -28.85
C ARG A 218 -20.56 -0.88 -29.05
N LEU A 219 -19.63 -0.93 -28.06
CA LEU A 219 -18.39 -0.17 -28.05
C LEU A 219 -17.26 -0.88 -28.86
N PHE A 220 -17.66 -1.75 -29.79
CA PHE A 220 -16.75 -2.45 -30.71
C PHE A 220 -17.20 -2.17 -32.15
N GLY A 221 -16.32 -2.44 -33.12
CA GLY A 221 -16.60 -2.22 -34.53
C GLY A 221 -15.62 -1.29 -35.20
N LYS A 222 -15.94 -0.88 -36.44
CA LYS A 222 -15.15 0.02 -37.30
C LYS A 222 -14.74 1.33 -36.59
N LYS A 223 -15.66 1.88 -35.78
CA LYS A 223 -15.46 3.13 -35.03
C LYS A 223 -14.47 2.96 -33.88
N TYR A 224 -14.41 1.75 -33.29
CA TYR A 224 -13.62 1.46 -32.09
C TYR A 224 -12.32 0.68 -32.15
N VAL A 225 -11.33 1.21 -31.42
CA VAL A 225 -10.00 0.63 -31.24
C VAL A 225 -9.69 0.54 -29.76
N TRP A 226 -9.35 -0.67 -29.31
CA TRP A 226 -8.98 -0.95 -27.95
C TRP A 226 -7.51 -1.30 -27.82
N PHE A 227 -6.81 -0.60 -26.91
CA PHE A 227 -5.41 -0.84 -26.59
C PHE A 227 -5.34 -1.55 -25.23
N LEU A 228 -5.04 -2.87 -25.26
CA LEU A 228 -4.95 -3.72 -24.06
C LEU A 228 -3.53 -4.27 -23.78
N ILE A 229 -3.36 -4.90 -22.60
CA ILE A 229 -2.08 -5.51 -22.21
C ILE A 229 -1.99 -6.91 -22.82
N GLY A 230 -0.82 -7.22 -23.39
CA GLY A 230 -0.59 -8.47 -24.10
C GLY A 230 -0.24 -9.71 -23.29
N TRP A 231 -0.31 -9.67 -21.96
CA TRP A 231 0.05 -10.88 -21.20
C TRP A 231 -1.07 -11.72 -20.64
N TYR A 232 -2.31 -11.52 -21.10
CA TYR A 232 -3.42 -12.40 -20.69
C TYR A 232 -3.16 -13.80 -21.28
N ALA A 233 -3.86 -14.80 -20.76
CA ALA A 233 -3.82 -16.16 -21.29
C ALA A 233 -4.38 -16.15 -22.73
N ASP A 234 -4.03 -17.18 -23.54
CA ASP A 234 -4.57 -17.33 -24.90
C ASP A 234 -6.05 -17.63 -24.75
N ASN A 235 -6.89 -16.93 -25.55
CA ASN A 235 -8.35 -17.06 -25.55
C ASN A 235 -8.96 -16.71 -24.17
N TRP A 236 -8.49 -15.58 -23.60
CA TRP A 236 -8.97 -15.05 -22.31
C TRP A 236 -10.45 -14.71 -22.34
N PHE A 237 -10.93 -14.14 -23.47
CA PHE A 237 -12.32 -13.73 -23.74
C PHE A 237 -13.23 -14.92 -23.94
N LYS A 238 -12.64 -16.10 -24.27
CA LYS A 238 -13.32 -17.37 -24.51
C LYS A 238 -13.53 -18.13 -23.21
N ILE A 239 -12.78 -17.75 -22.17
CA ILE A 239 -12.86 -18.37 -20.83
C ILE A 239 -14.19 -18.12 -20.12
N TYR A 240 -14.75 -19.20 -19.57
CA TYR A 240 -16.02 -19.20 -18.88
C TYR A 240 -15.94 -18.55 -17.51
N ASP A 241 -16.82 -17.57 -17.31
CA ASP A 241 -16.90 -16.90 -16.05
C ASP A 241 -18.38 -16.72 -15.67
N PRO A 242 -18.80 -17.38 -14.55
CA PRO A 242 -20.20 -17.30 -14.09
C PRO A 242 -20.75 -15.89 -13.87
N SER A 243 -19.90 -14.95 -13.42
CA SER A 243 -20.21 -13.54 -13.21
C SER A 243 -20.44 -12.83 -14.56
N ILE A 244 -20.22 -13.55 -15.67
CA ILE A 244 -20.37 -13.05 -17.04
C ILE A 244 -21.72 -13.38 -17.64
N ASN A 245 -22.39 -12.34 -18.14
CA ASN A 245 -23.68 -12.46 -18.81
C ASN A 245 -23.49 -12.94 -20.26
N CYS A 246 -22.42 -12.45 -20.93
CA CYS A 246 -22.08 -12.72 -22.32
C CYS A 246 -21.69 -14.14 -22.63
N THR A 247 -21.68 -14.44 -23.94
CA THR A 247 -21.31 -15.71 -24.53
C THR A 247 -19.93 -15.56 -25.17
N VAL A 248 -19.32 -16.71 -25.48
CA VAL A 248 -18.02 -16.84 -26.13
C VAL A 248 -17.99 -16.11 -27.48
N ASP A 249 -19.08 -16.25 -28.28
CA ASP A 249 -19.23 -15.61 -29.61
C ASP A 249 -19.43 -14.11 -29.48
N GLU A 250 -20.21 -13.72 -28.46
CA GLU A 250 -20.51 -12.35 -28.08
C GLU A 250 -19.22 -11.61 -27.77
N MET A 251 -18.40 -12.24 -26.91
CA MET A 251 -17.10 -11.74 -26.47
C MET A 251 -16.11 -11.67 -27.61
N THR A 252 -16.13 -12.68 -28.51
CA THR A 252 -15.26 -12.78 -29.71
C THR A 252 -15.55 -11.60 -30.66
N GLU A 253 -16.81 -11.16 -30.72
CA GLU A 253 -17.24 -10.03 -31.55
C GLU A 253 -16.68 -8.74 -30.98
N ALA A 254 -16.85 -8.52 -29.65
CA ALA A 254 -16.38 -7.34 -28.91
C ALA A 254 -14.85 -7.12 -28.95
N VAL A 255 -14.10 -8.23 -28.93
CA VAL A 255 -12.62 -8.22 -28.93
C VAL A 255 -11.94 -7.99 -30.29
N GLU A 256 -12.56 -8.44 -31.40
CA GLU A 256 -12.02 -8.31 -32.76
C GLU A 256 -11.38 -6.95 -33.05
N GLY A 257 -10.15 -6.99 -33.54
CA GLY A 257 -9.38 -5.82 -33.94
C GLY A 257 -8.63 -5.06 -32.88
N HIS A 258 -8.78 -5.44 -31.58
CA HIS A 258 -8.07 -4.75 -30.48
C HIS A 258 -6.55 -4.95 -30.56
N ILE A 259 -5.78 -3.92 -30.19
CA ILE A 259 -4.32 -3.92 -30.21
C ILE A 259 -3.77 -4.23 -28.79
N THR A 260 -2.71 -5.05 -28.73
CA THR A 260 -2.00 -5.38 -27.48
C THR A 260 -0.53 -5.04 -27.56
N THR A 261 0.03 -4.67 -26.42
CA THR A 261 1.44 -4.39 -26.25
C THR A 261 1.94 -5.34 -25.15
N GLU A 262 3.13 -5.89 -25.33
CA GLU A 262 3.77 -6.78 -24.37
C GLU A 262 5.26 -6.69 -24.51
N ILE A 263 5.97 -6.82 -23.37
CA ILE A 263 7.43 -6.83 -23.36
C ILE A 263 7.97 -8.13 -23.96
N VAL A 264 9.01 -7.99 -24.80
CA VAL A 264 9.69 -9.12 -25.44
C VAL A 264 10.64 -9.66 -24.38
N MET A 265 10.39 -10.89 -23.94
CA MET A 265 11.21 -11.56 -22.91
C MET A 265 12.23 -12.57 -23.42
N LEU A 266 12.08 -13.00 -24.67
CA LEU A 266 12.93 -13.95 -25.36
C LEU A 266 13.20 -13.39 -26.76
N ASN A 267 14.48 -13.22 -27.11
CA ASN A 267 14.91 -12.73 -28.41
C ASN A 267 14.32 -13.56 -29.57
N PRO A 268 13.46 -12.96 -30.43
CA PRO A 268 12.86 -13.74 -31.53
C PRO A 268 13.91 -14.21 -32.56
N ALA A 269 15.04 -13.47 -32.68
CA ALA A 269 16.18 -13.79 -33.53
C ALA A 269 16.90 -15.09 -33.07
N ASN A 270 17.47 -15.82 -34.04
CA ASN A 270 18.19 -17.10 -33.86
C ASN A 270 19.69 -16.91 -33.48
N THR A 271 20.09 -15.67 -33.13
CA THR A 271 21.44 -15.29 -32.73
C THR A 271 21.89 -15.95 -31.39
N ARG A 272 23.22 -15.98 -31.14
CA ARG A 272 23.78 -16.50 -29.89
C ARG A 272 24.17 -15.34 -28.99
N SER A 273 23.79 -15.43 -27.70
CA SER A 273 24.08 -14.39 -26.72
C SER A 273 25.42 -14.63 -26.00
N ILE A 274 25.75 -13.87 -24.93
CA ILE A 274 27.01 -13.98 -24.16
C ILE A 274 27.24 -15.41 -23.64
N SER A 275 26.17 -16.16 -23.34
CA SER A 275 26.25 -17.54 -22.85
C SER A 275 26.61 -18.54 -23.96
N ASN A 276 26.45 -18.08 -25.22
CA ASN A 276 26.63 -18.79 -26.48
C ASN A 276 25.44 -19.70 -26.79
N MET A 277 24.31 -19.47 -26.09
CA MET A 277 23.07 -20.20 -26.32
C MET A 277 22.20 -19.36 -27.26
N THR A 278 21.25 -20.01 -27.90
CA THR A 278 20.23 -19.34 -28.71
C THR A 278 18.97 -19.31 -27.81
N SER A 279 17.91 -18.60 -28.22
CA SER A 279 16.64 -18.53 -27.50
C SER A 279 16.03 -19.94 -27.29
N GLN A 280 16.03 -20.73 -28.37
CA GLN A 280 15.49 -22.09 -28.44
C GLN A 280 16.27 -23.07 -27.57
N GLU A 281 17.61 -22.90 -27.48
CA GLU A 281 18.49 -23.73 -26.67
C GLU A 281 18.20 -23.48 -25.19
N PHE A 282 18.06 -22.19 -24.79
CA PHE A 282 17.71 -21.82 -23.42
C PHE A 282 16.38 -22.48 -23.01
N VAL A 283 15.38 -22.36 -23.89
CA VAL A 283 14.05 -22.95 -23.69
C VAL A 283 14.10 -24.46 -23.51
N GLU A 284 14.90 -25.15 -24.36
CA GLU A 284 15.10 -26.61 -24.32
C GLU A 284 15.79 -27.05 -23.03
N LYS A 285 16.87 -26.36 -22.65
CA LYS A 285 17.66 -26.60 -21.46
C LYS A 285 16.84 -26.37 -20.18
N LEU A 286 16.00 -25.32 -20.17
CA LEU A 286 15.15 -24.99 -19.03
C LEU A 286 14.01 -25.99 -18.82
N THR A 287 13.39 -26.46 -19.92
CA THR A 287 12.33 -27.47 -19.90
C THR A 287 12.80 -28.78 -19.21
N LYS A 288 14.05 -29.24 -19.52
CA LYS A 288 14.70 -30.42 -18.94
C LYS A 288 14.83 -30.34 -17.41
N ARG A 289 15.14 -29.12 -16.87
CA ARG A 289 15.35 -28.84 -15.43
C ARG A 289 14.03 -28.79 -14.64
N LEU A 290 12.90 -28.66 -15.36
CA LEU A 290 11.58 -28.56 -14.76
C LEU A 290 10.93 -29.90 -14.44
N LYS A 291 10.28 -29.97 -13.25
CA LYS A 291 9.54 -31.14 -12.75
C LYS A 291 8.20 -31.28 -13.52
N ARG A 292 7.60 -30.14 -13.90
CA ARG A 292 6.35 -30.06 -14.64
C ARG A 292 6.59 -29.44 -16.01
N HIS A 293 5.56 -29.45 -16.87
CA HIS A 293 5.62 -28.90 -18.23
C HIS A 293 5.69 -27.36 -18.24
N PRO A 294 6.39 -26.71 -19.23
CA PRO A 294 6.46 -25.24 -19.26
C PRO A 294 5.16 -24.47 -19.02
N GLU A 295 4.03 -25.00 -19.55
CA GLU A 295 2.68 -24.42 -19.42
C GLU A 295 2.18 -24.45 -17.97
N GLU A 296 2.61 -25.45 -17.18
CA GLU A 296 2.25 -25.65 -15.77
C GLU A 296 3.26 -24.96 -14.84
N THR A 297 4.30 -24.32 -15.41
CA THR A 297 5.39 -23.68 -14.67
C THR A 297 5.24 -22.15 -14.62
N GLY A 298 5.09 -21.62 -13.41
CA GLY A 298 4.97 -20.19 -13.20
C GLY A 298 6.24 -19.44 -13.55
N GLY A 299 6.06 -18.32 -14.24
CA GLY A 299 7.14 -17.43 -14.67
C GLY A 299 8.02 -17.95 -15.78
N PHE A 300 7.51 -18.86 -16.61
CA PHE A 300 8.23 -19.47 -17.71
C PHE A 300 8.66 -18.43 -18.74
N GLN A 301 7.78 -17.46 -19.01
CA GLN A 301 8.08 -16.36 -19.94
C GLN A 301 9.11 -15.40 -19.41
N GLU A 302 9.08 -15.14 -18.07
CA GLU A 302 10.03 -14.27 -17.38
C GLU A 302 11.38 -14.91 -17.12
N ALA A 303 11.46 -16.26 -17.19
CA ALA A 303 12.72 -17.02 -16.96
C ALA A 303 13.97 -16.46 -17.63
N PRO A 304 13.92 -15.96 -18.90
CA PRO A 304 15.15 -15.37 -19.50
C PRO A 304 15.67 -14.11 -18.82
N LEU A 305 14.80 -13.34 -18.14
CA LEU A 305 15.14 -12.13 -17.39
C LEU A 305 15.88 -12.53 -16.13
N ALA A 306 15.49 -13.66 -15.50
CA ALA A 306 16.15 -14.19 -14.31
C ALA A 306 17.57 -14.68 -14.67
N TYR A 307 17.67 -15.38 -15.81
CA TYR A 307 18.93 -15.87 -16.36
C TYR A 307 19.87 -14.69 -16.63
N ASP A 308 19.37 -13.65 -17.31
CA ASP A 308 20.15 -12.46 -17.67
C ASP A 308 20.49 -11.57 -16.50
N ALA A 309 19.71 -11.67 -15.40
CA ALA A 309 19.97 -10.91 -14.18
C ALA A 309 21.28 -11.38 -13.57
N ILE A 310 21.52 -12.71 -13.60
CA ILE A 310 22.74 -13.34 -13.07
C ILE A 310 23.93 -12.88 -13.90
N TRP A 311 23.78 -12.91 -15.23
CA TRP A 311 24.82 -12.43 -16.14
C TRP A 311 25.13 -10.94 -15.94
N ALA A 312 24.10 -10.09 -15.73
CA ALA A 312 24.26 -8.65 -15.47
C ALA A 312 25.08 -8.42 -14.24
N LEU A 313 24.79 -9.18 -13.18
CA LEU A 313 25.50 -9.16 -11.92
C LEU A 313 26.94 -9.66 -12.10
N ALA A 314 27.13 -10.83 -12.72
CA ALA A 314 28.45 -11.42 -12.98
C ALA A 314 29.35 -10.43 -13.75
N LEU A 315 28.84 -9.83 -14.84
CA LEU A 315 29.55 -8.84 -15.64
C LEU A 315 29.87 -7.57 -14.87
N ALA A 316 28.98 -7.15 -13.95
CA ALA A 316 29.19 -5.97 -13.10
C ALA A 316 30.28 -6.28 -12.08
N LEU A 317 30.21 -7.48 -11.46
CA LEU A 317 31.20 -7.92 -10.46
C LEU A 317 32.55 -8.10 -11.12
N ASN A 318 32.54 -8.52 -12.37
CA ASN A 318 33.74 -8.67 -13.14
C ASN A 318 34.40 -7.32 -13.46
N LYS A 319 33.60 -6.27 -13.80
CA LYS A 319 34.11 -4.93 -14.08
C LYS A 319 34.79 -4.33 -12.84
N THR A 320 34.37 -4.75 -11.63
CA THR A 320 34.92 -4.26 -10.37
C THR A 320 35.99 -5.16 -9.79
N SER A 321 35.58 -6.33 -9.24
CA SER A 321 36.45 -7.25 -8.53
C SER A 321 37.19 -6.46 -7.49
N ARG A 330 37.88 -6.83 -4.76
CA ARG A 330 37.92 -6.89 -3.32
C ARG A 330 36.53 -7.34 -2.77
N LEU A 331 35.84 -8.25 -3.50
CA LEU A 331 34.49 -8.75 -3.18
C LEU A 331 34.31 -9.44 -1.82
N GLU A 332 35.35 -10.12 -1.32
CA GLU A 332 35.35 -10.82 -0.03
C GLU A 332 35.27 -9.86 1.18
N ASP A 333 35.71 -8.60 1.00
CA ASP A 333 35.71 -7.57 2.06
C ASP A 333 34.39 -6.79 2.22
N PHE A 334 33.32 -7.20 1.50
CA PHE A 334 32.01 -6.54 1.59
C PHE A 334 31.37 -6.66 2.97
N ASN A 335 30.87 -5.52 3.46
CA ASN A 335 30.21 -5.37 4.76
C ASN A 335 28.98 -4.49 4.61
N TYR A 336 27.96 -4.76 5.43
CA TYR A 336 26.71 -4.00 5.45
C TYR A 336 26.87 -2.57 5.95
N ASN A 337 27.94 -2.28 6.71
CA ASN A 337 28.21 -0.96 7.26
C ASN A 337 28.92 -0.02 6.29
N ASN A 338 29.42 -0.57 5.19
CA ASN A 338 30.18 0.21 4.22
C ASN A 338 29.60 0.25 2.79
N GLN A 339 29.53 1.48 2.25
CA GLN A 339 29.02 1.88 0.93
C GLN A 339 30.01 1.67 -0.23
N THR A 340 31.31 1.80 0.05
CA THR A 340 32.40 1.76 -0.94
C THR A 340 32.25 0.72 -2.05
N ILE A 341 32.18 -0.57 -1.67
CA ILE A 341 31.98 -1.64 -2.64
C ILE A 341 30.62 -1.49 -3.36
N THR A 342 29.54 -1.16 -2.63
CA THR A 342 28.19 -0.99 -3.18
C THR A 342 28.18 -0.01 -4.35
N ASP A 343 28.76 1.17 -4.10
CA ASP A 343 28.89 2.28 -5.03
C ASP A 343 29.57 1.91 -6.34
N GLN A 344 30.61 1.06 -6.26
CA GLN A 344 31.33 0.58 -7.45
C GLN A 344 30.49 -0.37 -8.28
N ILE A 345 29.74 -1.28 -7.59
CA ILE A 345 28.82 -2.25 -8.24
C ILE A 345 27.69 -1.50 -8.92
N TYR A 346 27.14 -0.49 -8.23
CA TYR A 346 26.07 0.37 -8.74
C TYR A 346 26.54 0.96 -10.07
N ARG A 347 27.77 1.55 -10.09
CA ARG A 347 28.38 2.16 -11.27
C ARG A 347 28.55 1.14 -12.39
N ALA A 348 28.98 -0.08 -12.05
CA ALA A 348 29.14 -1.17 -13.00
C ALA A 348 27.78 -1.66 -13.50
N MET A 349 26.79 -1.80 -12.60
CA MET A 349 25.42 -2.20 -12.97
C MET A 349 24.78 -1.15 -13.86
N ASN A 350 25.01 0.15 -13.54
CA ASN A 350 24.48 1.28 -14.32
C ASN A 350 24.96 1.30 -15.78
N SER A 351 26.22 0.89 -16.00
CA SER A 351 26.87 0.85 -17.32
C SER A 351 26.79 -0.54 -18.00
N SER A 352 25.79 -1.37 -17.62
CA SER A 352 25.54 -2.69 -18.21
C SER A 352 25.15 -2.53 -19.66
N SER A 353 25.78 -3.31 -20.53
CA SER A 353 25.49 -3.37 -21.97
C SER A 353 26.01 -4.70 -22.48
N PHE A 354 25.10 -5.66 -22.72
CA PHE A 354 25.41 -7.00 -23.22
C PHE A 354 24.19 -7.67 -23.87
N GLU A 355 24.41 -8.79 -24.58
CA GLU A 355 23.32 -9.55 -25.20
C GLU A 355 23.04 -10.74 -24.33
N GLY A 356 21.81 -10.83 -23.86
CA GLY A 356 21.36 -11.95 -23.05
C GLY A 356 20.36 -12.77 -23.82
N VAL A 357 19.81 -13.82 -23.19
CA VAL A 357 18.78 -14.65 -23.81
C VAL A 357 17.47 -13.85 -24.09
N SER A 358 17.22 -12.77 -23.31
CA SER A 358 16.05 -11.89 -23.46
C SER A 358 16.29 -10.76 -24.47
N GLY A 359 17.50 -10.66 -24.98
CA GLY A 359 17.92 -9.63 -25.92
C GLY A 359 18.96 -8.69 -25.33
N HIS A 360 19.04 -7.49 -25.89
CA HIS A 360 20.01 -6.51 -25.40
C HIS A 360 19.64 -6.01 -23.99
N VAL A 361 20.59 -6.13 -23.04
CA VAL A 361 20.36 -5.76 -21.66
C VAL A 361 21.02 -4.43 -21.33
N VAL A 362 20.19 -3.43 -21.01
CA VAL A 362 20.54 -2.07 -20.62
C VAL A 362 19.49 -1.57 -19.64
N PHE A 363 19.91 -0.77 -18.66
CA PHE A 363 19.03 -0.14 -17.69
C PHE A 363 19.01 1.38 -17.93
N ASP A 364 17.85 2.02 -17.69
CA ASP A 364 17.73 3.48 -17.79
C ASP A 364 18.30 4.11 -16.50
N ALA A 365 18.13 5.43 -16.29
CA ALA A 365 18.64 6.14 -15.10
C ALA A 365 18.03 5.64 -13.77
N SER A 366 16.80 5.06 -13.85
CA SER A 366 16.02 4.54 -12.71
C SER A 366 16.38 3.10 -12.31
N GLY A 367 17.23 2.44 -13.10
CA GLY A 367 17.64 1.06 -12.90
C GLY A 367 16.71 0.09 -13.59
N SER A 368 15.79 0.62 -14.39
CA SER A 368 14.77 -0.17 -15.07
C SER A 368 15.21 -0.61 -16.46
N ARG A 369 14.95 -1.89 -16.78
CA ARG A 369 15.31 -2.52 -18.04
C ARG A 369 14.69 -1.86 -19.26
N MET A 370 15.50 -1.70 -20.31
CA MET A 370 15.06 -1.18 -21.61
C MET A 370 14.96 -2.34 -22.57
N ALA A 371 13.78 -2.55 -23.15
CA ALA A 371 13.55 -3.69 -24.02
C ALA A 371 12.58 -3.39 -25.17
N TRP A 372 12.50 -4.36 -26.12
CA TRP A 372 11.59 -4.34 -27.25
C TRP A 372 10.17 -4.68 -26.73
N THR A 373 9.15 -4.19 -27.44
CA THR A 373 7.76 -4.54 -27.19
C THR A 373 7.24 -5.24 -28.45
N LEU A 374 6.32 -6.19 -28.29
CA LEU A 374 5.67 -6.92 -29.36
C LEU A 374 4.26 -6.38 -29.46
N ILE A 375 3.91 -5.84 -30.63
CA ILE A 375 2.59 -5.28 -30.92
C ILE A 375 1.78 -6.35 -31.64
N GLU A 376 0.61 -6.65 -31.12
CA GLU A 376 -0.27 -7.65 -31.72
C GLU A 376 -1.68 -7.10 -31.94
N GLN A 377 -2.46 -7.75 -32.82
CA GLN A 377 -3.84 -7.37 -33.12
C GLN A 377 -4.67 -8.62 -33.18
N LEU A 378 -5.84 -8.61 -32.55
CA LEU A 378 -6.74 -9.74 -32.59
C LEU A 378 -7.51 -9.79 -33.93
N GLN A 379 -7.03 -10.66 -34.84
CA GLN A 379 -7.58 -10.88 -36.18
C GLN A 379 -8.22 -12.28 -36.20
N GLY A 380 -9.55 -12.29 -36.24
CA GLY A 380 -10.37 -13.50 -36.30
C GLY A 380 -10.28 -14.40 -35.09
N GLY A 381 -10.36 -13.80 -33.91
CA GLY A 381 -10.31 -14.51 -32.63
C GLY A 381 -8.95 -15.10 -32.29
N SER A 382 -7.88 -14.57 -32.91
CA SER A 382 -6.49 -14.98 -32.71
C SER A 382 -5.56 -13.77 -32.88
N TYR A 383 -4.46 -13.73 -32.12
CA TYR A 383 -3.50 -12.62 -32.20
C TYR A 383 -2.50 -12.85 -33.32
N LYS A 384 -2.24 -11.79 -34.09
CA LYS A 384 -1.28 -11.74 -35.19
C LYS A 384 -0.23 -10.67 -34.86
N LYS A 385 1.05 -11.01 -35.03
CA LYS A 385 2.15 -10.11 -34.71
C LYS A 385 2.24 -9.02 -35.76
N ILE A 386 1.73 -7.83 -35.43
CA ILE A 386 1.71 -6.72 -36.36
C ILE A 386 2.98 -5.86 -36.36
N GLY A 387 3.83 -6.02 -35.34
CA GLY A 387 5.06 -5.26 -35.23
C GLY A 387 5.80 -5.39 -33.92
N TYR A 388 6.92 -4.63 -33.80
CA TYR A 388 7.82 -4.55 -32.64
C TYR A 388 8.31 -3.11 -32.46
N TYR A 389 8.51 -2.65 -31.22
CA TYR A 389 9.02 -1.29 -31.04
C TYR A 389 10.20 -1.17 -30.06
N ASP A 390 11.25 -0.43 -30.46
CA ASP A 390 12.45 -0.15 -29.66
C ASP A 390 12.45 1.33 -29.23
N SER A 391 11.98 1.59 -27.99
CA SER A 391 11.86 2.90 -27.34
C SER A 391 13.15 3.75 -27.34
N THR A 392 14.30 3.13 -27.03
CA THR A 392 15.60 3.80 -26.94
C THR A 392 16.08 4.36 -28.29
N LYS A 393 15.94 3.55 -29.35
CA LYS A 393 16.36 3.89 -30.71
C LYS A 393 15.23 4.40 -31.63
N ASP A 394 13.99 4.51 -31.12
CA ASP A 394 12.80 4.95 -31.89
C ASP A 394 12.63 4.09 -33.18
N ASP A 395 12.94 2.80 -33.07
CA ASP A 395 12.89 1.83 -34.17
C ASP A 395 11.63 0.97 -34.13
N LEU A 396 10.77 1.18 -35.12
CA LEU A 396 9.53 0.43 -35.29
C LEU A 396 9.67 -0.62 -36.40
N SER A 397 9.63 -1.90 -36.04
CA SER A 397 9.69 -3.01 -36.99
C SER A 397 8.26 -3.24 -37.43
N TRP A 398 7.94 -2.85 -38.66
CA TRP A 398 6.56 -2.99 -39.11
C TRP A 398 6.35 -4.08 -40.15
N SER A 399 5.42 -4.99 -39.86
CA SER A 399 5.02 -6.07 -40.75
C SER A 399 3.64 -5.71 -41.25
N LYS A 400 3.45 -5.78 -42.57
CA LYS A 400 2.19 -5.42 -43.22
C LYS A 400 1.15 -6.54 -43.00
N THR A 401 0.72 -6.69 -41.74
CA THR A 401 -0.25 -7.69 -41.31
C THR A 401 -1.42 -7.12 -40.48
N ASP A 402 -1.42 -5.79 -40.25
CA ASP A 402 -2.53 -5.12 -39.54
C ASP A 402 -3.75 -5.00 -40.46
N LYS A 403 -4.93 -5.39 -39.98
CA LYS A 403 -6.17 -5.41 -40.76
C LYS A 403 -7.32 -4.69 -40.07
N TRP A 404 -8.01 -3.82 -40.83
CA TRP A 404 -9.12 -3.02 -40.31
C TRP A 404 -10.37 -3.11 -41.17
N ILE A 405 -11.53 -2.78 -40.55
CA ILE A 405 -12.84 -2.73 -41.20
C ILE A 405 -12.78 -1.64 -42.25
N GLY A 406 -13.51 -1.89 -43.34
CA GLY A 406 -13.42 -1.08 -44.54
C GLY A 406 -12.07 -1.52 -45.05
N GLY A 407 -11.14 -0.59 -45.08
CA GLY A 407 -9.77 -0.92 -45.44
C GLY A 407 -8.77 -0.30 -44.49
N SER A 408 -9.24 0.62 -43.63
CA SER A 408 -8.31 1.36 -42.79
C SER A 408 -8.71 1.72 -41.33
N PRO A 409 -7.68 2.18 -40.54
CA PRO A 409 -7.93 2.58 -39.15
C PRO A 409 -8.89 3.77 -39.01
N PRO A 410 -9.76 3.75 -37.98
CA PRO A 410 -10.70 4.87 -37.79
C PRO A 410 -10.01 6.09 -37.20
N ALA A 411 -10.74 7.21 -37.17
CA ALA A 411 -10.23 8.45 -36.59
C ALA A 411 -10.70 8.59 -35.13
N ASP A 412 -10.01 9.44 -34.38
CA ASP A 412 -10.25 9.75 -32.96
C ASP A 412 -11.58 10.48 -32.70
N ASP A 413 -12.10 11.23 -33.70
CA ASP A 413 -13.34 12.02 -33.55
C ASP A 413 -14.46 11.78 -34.59
N TYR A 414 -15.41 12.74 -34.67
CA TYR A 414 -16.62 12.79 -35.50
C TYR A 414 -16.49 12.43 -36.99
N LYS A 415 -15.50 13.02 -37.70
CA LYS A 415 -15.17 12.86 -39.14
C LYS A 415 -15.86 11.68 -39.87
N SER B 12 13.70 -12.96 40.06
CA SER B 12 12.72 -12.16 39.33
C SER B 12 12.97 -12.25 37.80
N PRO B 13 12.37 -13.25 37.11
CA PRO B 13 12.61 -13.38 35.66
C PRO B 13 11.91 -12.29 34.82
N PRO B 14 12.49 -11.86 33.68
CA PRO B 14 11.80 -10.83 32.89
C PRO B 14 10.78 -11.37 31.90
N LEU B 15 9.75 -10.55 31.63
CA LEU B 15 8.75 -10.79 30.60
C LEU B 15 9.03 -9.64 29.63
N SER B 16 9.90 -9.91 28.64
CA SER B 16 10.38 -8.90 27.70
C SER B 16 9.40 -8.50 26.63
N ILE B 17 9.23 -7.18 26.45
CA ILE B 17 8.30 -6.62 25.48
C ILE B 17 9.05 -5.69 24.53
N MET B 18 8.79 -5.88 23.23
CA MET B 18 9.43 -5.06 22.21
C MET B 18 8.67 -3.75 21.98
N GLY B 19 9.21 -2.66 22.53
CA GLY B 19 8.66 -1.31 22.36
C GLY B 19 9.16 -0.71 21.05
N LEU B 20 8.24 -0.40 20.13
CA LEU B 20 8.55 0.18 18.81
C LEU B 20 7.85 1.53 18.57
N MET B 21 8.62 2.60 18.45
CA MET B 21 8.05 3.94 18.27
C MET B 21 9.11 4.95 17.88
N PRO B 22 8.73 6.09 17.23
CA PRO B 22 9.74 7.15 17.00
C PRO B 22 10.05 7.84 18.34
N LEU B 23 11.34 7.99 18.63
CA LEU B 23 11.81 8.58 19.88
C LEU B 23 12.72 9.82 19.72
N THR B 24 13.36 9.97 18.56
CA THR B 24 14.30 11.06 18.26
C THR B 24 13.59 12.39 18.03
N LYS B 25 14.24 13.48 18.54
CA LYS B 25 13.81 14.88 18.45
C LYS B 25 13.86 15.38 17.00
N GLU B 26 14.75 14.77 16.18
CA GLU B 26 14.93 15.07 14.76
C GLU B 26 13.72 14.61 13.92
N VAL B 27 12.94 13.65 14.45
CA VAL B 27 11.74 13.10 13.79
C VAL B 27 10.49 13.72 14.45
N ALA B 28 9.62 14.36 13.61
CA ALA B 28 8.38 15.05 14.03
C ALA B 28 7.45 14.20 14.90
N LYS B 29 7.23 12.90 14.52
CA LYS B 29 6.37 11.98 15.29
C LYS B 29 7.06 11.38 16.53
N GLY B 30 8.30 11.85 16.80
CA GLY B 30 9.10 11.53 17.98
C GLY B 30 8.43 12.10 19.23
N SER B 31 7.57 13.13 19.02
CA SER B 31 6.76 13.81 20.03
C SER B 31 5.67 12.89 20.58
N ILE B 32 5.19 11.93 19.74
CA ILE B 32 4.19 10.97 20.18
C ILE B 32 4.85 9.98 21.13
N GLY B 33 5.94 9.34 20.66
CA GLY B 33 6.72 8.38 21.43
C GLY B 33 7.23 8.95 22.74
N ARG B 34 7.70 10.21 22.73
CA ARG B 34 8.19 10.87 23.95
C ARG B 34 7.05 11.32 24.87
N GLY B 35 5.98 11.87 24.29
CA GLY B 35 4.77 12.28 25.01
C GLY B 35 4.05 11.17 25.76
N VAL B 36 4.19 9.90 25.32
CA VAL B 36 3.51 8.74 25.93
C VAL B 36 4.36 8.00 26.96
N LEU B 37 5.70 8.10 26.90
CA LEU B 37 6.61 7.42 27.83
C LEU B 37 6.35 7.68 29.32
N PRO B 38 6.06 8.94 29.79
CA PRO B 38 5.72 9.13 31.22
C PRO B 38 4.50 8.29 31.61
N ALA B 39 3.49 8.16 30.69
CA ALA B 39 2.29 7.35 30.90
C ALA B 39 2.65 5.86 31.00
N VAL B 40 3.55 5.37 30.14
CA VAL B 40 4.04 3.98 30.10
C VAL B 40 4.82 3.69 31.43
N GLU B 41 5.71 4.65 31.83
CA GLU B 41 6.50 4.62 33.06
C GLU B 41 5.59 4.50 34.27
N LEU B 42 4.48 5.27 34.32
CA LEU B 42 3.51 5.21 35.41
C LEU B 42 2.81 3.85 35.53
N ALA B 43 2.37 3.26 34.39
CA ALA B 43 1.70 1.96 34.36
C ALA B 43 2.64 0.86 34.80
N ILE B 44 3.88 0.83 34.25
CA ILE B 44 4.95 -0.13 34.57
C ILE B 44 5.29 -0.09 36.06
N GLU B 45 5.57 1.12 36.59
CA GLU B 45 5.87 1.39 38.00
C GLU B 45 4.83 0.77 38.93
N GLN B 46 3.53 1.01 38.66
CA GLN B 46 2.43 0.46 39.45
C GLN B 46 2.40 -1.06 39.43
N ILE B 47 2.31 -1.69 38.23
CA ILE B 47 2.27 -3.15 38.01
C ILE B 47 3.42 -3.88 38.75
N ARG B 48 4.61 -3.24 38.81
CA ARG B 48 5.82 -3.74 39.46
C ARG B 48 5.64 -3.74 41.00
N ASN B 49 5.25 -2.56 41.58
CA ASN B 49 5.00 -2.37 43.03
C ASN B 49 3.97 -3.37 43.55
N GLU B 50 2.85 -3.53 42.82
CA GLU B 50 1.76 -4.43 43.16
C GLU B 50 2.09 -5.90 42.96
N SER B 51 3.22 -6.19 42.25
CA SER B 51 3.70 -7.54 41.91
C SER B 51 2.57 -8.35 41.25
N LEU B 52 1.84 -7.69 40.33
CA LEU B 52 0.71 -8.23 39.59
C LEU B 52 1.16 -9.40 38.71
N LEU B 53 2.43 -9.36 38.25
CA LEU B 53 2.99 -10.41 37.41
C LEU B 53 3.96 -11.35 38.15
N ARG B 54 3.87 -11.36 39.50
CA ARG B 54 4.69 -12.22 40.38
C ARG B 54 4.63 -13.70 39.89
N PRO B 55 5.77 -14.42 39.78
CA PRO B 55 7.15 -14.06 40.18
C PRO B 55 7.89 -13.11 39.24
N TYR B 56 7.43 -13.00 37.98
CA TYR B 56 8.02 -12.20 36.91
C TYR B 56 7.90 -10.67 37.08
N PHE B 57 8.51 -9.94 36.14
CA PHE B 57 8.45 -8.48 36.03
C PHE B 57 8.44 -8.07 34.54
N LEU B 58 7.69 -6.99 34.25
CA LEU B 58 7.56 -6.45 32.90
C LEU B 58 8.82 -5.75 32.43
N ASP B 59 9.44 -6.31 31.37
CA ASP B 59 10.69 -5.81 30.80
C ASP B 59 10.46 -5.11 29.42
N LEU B 60 10.02 -3.85 29.45
CA LEU B 60 9.82 -3.13 28.22
C LEU B 60 11.13 -2.59 27.69
N ARG B 61 11.53 -3.08 26.50
CA ARG B 61 12.74 -2.65 25.80
C ARG B 61 12.31 -1.67 24.70
N LEU B 62 12.96 -0.49 24.62
CA LEU B 62 12.59 0.53 23.62
C LEU B 62 13.52 0.57 22.43
N TYR B 63 12.95 0.64 21.22
CA TYR B 63 13.71 0.68 19.96
C TYR B 63 13.09 1.77 19.12
N ASP B 64 13.94 2.65 18.60
CA ASP B 64 13.49 3.80 17.82
C ASP B 64 13.31 3.43 16.36
N THR B 65 12.06 3.52 15.86
CA THR B 65 11.71 3.25 14.47
C THR B 65 12.09 4.43 13.57
N GLU B 66 12.18 5.65 14.18
CA GLU B 66 12.47 6.95 13.55
C GLU B 66 11.41 7.34 12.53
N CYS B 67 10.22 6.68 12.57
CA CYS B 67 9.13 6.95 11.64
C CYS B 67 9.58 6.75 10.17
N ASP B 68 10.44 5.75 9.98
CA ASP B 68 11.00 5.43 8.67
C ASP B 68 10.86 3.93 8.43
N ASN B 69 10.39 3.53 7.24
CA ASN B 69 10.22 2.13 6.81
C ASN B 69 11.51 1.29 6.96
N ALA B 70 12.63 1.75 6.36
CA ALA B 70 13.94 1.09 6.39
C ALA B 70 14.54 1.02 7.80
N LYS B 71 14.64 2.16 8.50
CA LYS B 71 15.15 2.26 9.88
C LYS B 71 14.29 1.51 10.89
N GLY B 72 12.95 1.57 10.71
CA GLY B 72 11.98 0.89 11.56
C GLY B 72 12.11 -0.61 11.48
N LEU B 73 12.30 -1.12 10.23
CA LEU B 73 12.49 -2.55 9.93
C LEU B 73 13.79 -3.03 10.55
N LYS B 74 14.90 -2.28 10.34
CA LYS B 74 16.19 -2.60 10.97
C LYS B 74 16.08 -2.55 12.51
N ALA B 75 15.31 -1.59 13.06
CA ALA B 75 15.12 -1.51 14.51
C ALA B 75 14.44 -2.78 15.02
N PHE B 76 13.43 -3.27 14.29
CA PHE B 76 12.70 -4.52 14.58
C PHE B 76 13.64 -5.74 14.46
N TYR B 77 14.36 -5.86 13.33
CA TYR B 77 15.33 -6.93 13.07
C TYR B 77 16.42 -6.98 14.15
N ASP B 78 17.02 -5.81 14.49
CA ASP B 78 18.05 -5.71 15.54
C ASP B 78 17.52 -6.13 16.90
N ALA B 79 16.25 -5.82 17.19
CA ALA B 79 15.63 -6.21 18.45
C ALA B 79 15.56 -7.75 18.54
N ILE B 80 15.16 -8.43 17.44
CA ILE B 80 15.11 -9.90 17.35
C ILE B 80 16.51 -10.56 17.46
N LYS B 81 17.52 -9.95 16.82
CA LYS B 81 18.89 -10.48 16.81
C LYS B 81 19.62 -10.31 18.14
N TYR B 82 19.75 -9.06 18.60
CA TYR B 82 20.55 -8.69 19.77
C TYR B 82 19.78 -8.50 21.08
N GLY B 83 18.49 -8.25 20.98
CA GLY B 83 17.61 -8.02 22.13
C GLY B 83 17.16 -9.30 22.80
N PRO B 84 16.47 -9.18 23.96
CA PRO B 84 16.00 -10.40 24.66
C PRO B 84 14.87 -11.09 23.92
N ASN B 85 14.47 -12.30 24.35
CA ASN B 85 13.35 -12.99 23.71
C ASN B 85 12.03 -12.32 24.11
N HIS B 86 11.58 -11.38 23.27
CA HIS B 86 10.36 -10.59 23.47
C HIS B 86 9.12 -11.47 23.32
N LEU B 87 8.12 -11.28 24.17
CA LEU B 87 6.88 -12.05 24.10
C LEU B 87 5.84 -11.39 23.20
N MET B 88 5.90 -10.06 23.12
CA MET B 88 5.03 -9.29 22.25
C MET B 88 5.57 -7.93 21.84
N VAL B 89 4.92 -7.29 20.84
CA VAL B 89 5.27 -5.96 20.34
C VAL B 89 4.34 -4.90 20.94
N PHE B 90 4.93 -3.82 21.42
CA PHE B 90 4.15 -2.72 21.96
C PHE B 90 4.53 -1.49 21.19
N GLY B 91 3.57 -0.95 20.47
CA GLY B 91 3.79 0.24 19.68
C GLY B 91 3.47 0.10 18.19
N GLY B 92 4.19 0.88 17.40
CA GLY B 92 3.95 1.08 15.98
C GLY B 92 3.13 2.35 15.93
N VAL B 93 3.71 3.45 15.46
CA VAL B 93 3.03 4.76 15.47
C VAL B 93 2.73 5.25 14.06
N CYS B 94 3.74 5.26 13.21
CA CYS B 94 3.63 5.72 11.84
C CYS B 94 2.98 4.62 10.97
N PRO B 95 1.99 5.01 10.12
CA PRO B 95 1.20 4.01 9.36
C PRO B 95 1.93 3.03 8.45
N SER B 96 2.91 3.50 7.65
CA SER B 96 3.64 2.60 6.75
C SER B 96 4.61 1.66 7.48
N VAL B 97 5.19 2.11 8.62
CA VAL B 97 6.15 1.32 9.43
C VAL B 97 5.39 0.19 10.12
N THR B 98 4.31 0.57 10.85
CA THR B 98 3.42 -0.33 11.55
C THR B 98 2.88 -1.42 10.59
N SER B 99 2.43 -1.05 9.35
CA SER B 99 1.94 -1.99 8.32
C SER B 99 2.97 -3.04 7.99
N ILE B 100 4.24 -2.62 7.83
CA ILE B 100 5.32 -3.54 7.52
C ILE B 100 5.56 -4.54 8.64
N ILE B 101 5.67 -4.08 9.88
CA ILE B 101 5.89 -4.92 11.04
C ILE B 101 4.65 -5.78 11.30
N ALA B 102 3.44 -5.15 11.42
CA ALA B 102 2.15 -5.83 11.62
C ALA B 102 1.88 -7.02 10.63
N GLU B 103 2.22 -6.86 9.34
CA GLU B 103 2.04 -7.93 8.34
C GLU B 103 2.94 -9.16 8.59
N SER B 104 4.15 -8.92 9.14
CA SER B 104 5.17 -9.93 9.35
C SER B 104 5.12 -10.71 10.67
N LEU B 105 4.30 -10.23 11.62
CA LEU B 105 4.14 -10.70 12.98
C LEU B 105 4.16 -12.18 13.23
N GLN B 106 3.37 -12.95 12.45
CA GLN B 106 3.25 -14.41 12.53
C GLN B 106 4.59 -15.15 12.25
N GLY B 107 5.50 -14.52 11.49
CA GLY B 107 6.83 -15.06 11.21
C GLY B 107 7.62 -15.28 12.48
N TRP B 108 7.35 -14.48 13.54
CA TRP B 108 7.99 -14.57 14.83
C TRP B 108 7.00 -14.85 15.97
N ASN B 109 5.76 -15.24 15.65
CA ASN B 109 4.70 -15.55 16.63
C ASN B 109 4.53 -14.44 17.68
N LEU B 110 4.64 -13.19 17.20
CA LEU B 110 4.57 -11.98 18.02
C LEU B 110 3.24 -11.26 17.88
N VAL B 111 2.54 -11.11 19.02
CA VAL B 111 1.29 -10.38 19.09
C VAL B 111 1.69 -8.90 19.24
N GLN B 112 1.06 -8.02 18.46
CA GLN B 112 1.35 -6.59 18.54
C GLN B 112 0.17 -5.81 19.07
N LEU B 113 0.46 -4.89 19.99
CA LEU B 113 -0.52 -3.95 20.52
C LEU B 113 -0.01 -2.51 20.28
N SER B 114 -0.72 -1.78 19.46
CA SER B 114 -0.40 -0.38 19.17
C SER B 114 -1.30 0.56 20.01
N PHE B 115 -0.81 1.76 20.33
CA PHE B 115 -1.57 2.78 21.06
C PHE B 115 -1.80 4.04 20.21
N ALA B 116 -1.17 4.13 19.02
CA ALA B 116 -1.23 5.32 18.16
C ALA B 116 -1.49 5.11 16.67
N ALA B 117 -1.33 3.88 16.14
CA ALA B 117 -1.55 3.67 14.70
C ALA B 117 -3.04 3.55 14.43
N THR B 118 -3.64 4.53 13.75
CA THR B 118 -5.09 4.65 13.55
C THR B 118 -5.57 4.33 12.11
N THR B 119 -4.64 3.96 11.22
CA THR B 119 -4.95 3.64 9.85
C THR B 119 -5.93 2.45 9.75
N PRO B 120 -7.06 2.66 9.02
CA PRO B 120 -8.07 1.62 8.88
C PRO B 120 -7.60 0.27 8.35
N VAL B 121 -6.61 0.31 7.45
CA VAL B 121 -5.91 -0.78 6.76
C VAL B 121 -5.62 -1.94 7.72
N LEU B 122 -5.14 -1.61 8.94
CA LEU B 122 -4.76 -2.56 9.97
C LEU B 122 -5.90 -3.45 10.51
N ALA B 123 -7.18 -3.09 10.19
CA ALA B 123 -8.35 -3.89 10.60
C ALA B 123 -8.51 -5.17 9.80
N ASP B 124 -7.77 -5.29 8.69
CA ASP B 124 -7.78 -6.47 7.83
C ASP B 124 -7.03 -7.60 8.52
N LYS B 125 -7.78 -8.51 9.16
CA LYS B 125 -7.21 -9.65 9.90
C LYS B 125 -6.68 -10.79 9.01
N LYS B 126 -6.85 -10.69 7.67
CA LYS B 126 -6.30 -11.66 6.71
C LYS B 126 -4.83 -11.31 6.50
N LYS B 127 -4.54 -10.01 6.53
CA LYS B 127 -3.25 -9.40 6.34
C LYS B 127 -2.54 -9.16 7.68
N TYR B 128 -3.28 -8.73 8.70
CA TYR B 128 -2.67 -8.41 10.01
C TYR B 128 -3.31 -9.21 11.16
N PRO B 129 -3.28 -10.56 11.14
CA PRO B 129 -3.95 -11.34 12.19
C PRO B 129 -3.46 -11.14 13.64
N TYR B 130 -2.16 -10.91 13.82
CA TYR B 130 -1.53 -10.75 15.15
C TYR B 130 -1.52 -9.30 15.70
N PHE B 131 -2.10 -8.38 14.95
CA PHE B 131 -2.19 -6.96 15.29
C PHE B 131 -3.49 -6.57 16.05
N PHE B 132 -3.29 -5.87 17.20
CA PHE B 132 -4.33 -5.29 18.06
C PHE B 132 -3.99 -3.83 18.32
N ARG B 133 -5.00 -3.03 18.59
CA ARG B 133 -4.80 -1.62 18.96
C ARG B 133 -5.79 -1.11 20.03
N THR B 134 -5.31 -0.39 21.04
CA THR B 134 -6.15 0.22 22.08
C THR B 134 -6.82 1.53 21.58
N VAL B 135 -6.32 2.13 20.47
CA VAL B 135 -6.85 3.38 19.93
C VAL B 135 -7.89 3.13 18.85
N PRO B 136 -9.03 3.87 18.81
CA PRO B 136 -9.96 3.68 17.68
C PRO B 136 -9.30 4.17 16.38
N SER B 137 -9.64 3.51 15.27
CA SER B 137 -9.09 3.86 13.97
C SER B 137 -9.79 5.10 13.42
N ASP B 138 -9.31 5.63 12.29
CA ASP B 138 -9.90 6.78 11.62
C ASP B 138 -11.37 6.49 11.21
N ASN B 139 -11.69 5.22 10.90
CA ASN B 139 -13.04 4.81 10.51
C ASN B 139 -14.05 4.81 11.66
N ALA B 140 -13.60 4.68 12.93
CA ALA B 140 -14.43 4.64 14.16
C ALA B 140 -15.35 5.87 14.40
N VAL B 141 -15.13 6.96 13.63
CA VAL B 141 -15.98 8.15 13.65
C VAL B 141 -17.31 7.86 12.90
N ASN B 142 -17.27 7.01 11.87
CA ASN B 142 -18.44 6.69 11.04
C ASN B 142 -19.68 6.13 11.81
N PRO B 143 -19.55 5.09 12.69
CA PRO B 143 -20.73 4.66 13.52
C PRO B 143 -21.22 5.78 14.44
N ALA B 144 -20.28 6.64 14.93
CA ALA B 144 -20.60 7.78 15.79
C ALA B 144 -21.44 8.83 15.02
N ILE B 145 -21.07 9.11 13.77
CA ILE B 145 -21.75 10.07 12.90
C ILE B 145 -23.18 9.58 12.60
N LEU B 146 -23.34 8.25 12.35
CA LEU B 146 -24.62 7.59 12.08
C LEU B 146 -25.58 7.87 13.22
N LYS B 147 -25.13 7.68 14.47
CA LYS B 147 -25.94 7.99 15.65
C LYS B 147 -26.27 9.47 15.74
N LEU B 148 -25.36 10.36 15.34
CA LEU B 148 -25.61 11.81 15.33
C LEU B 148 -26.68 12.16 14.30
N LEU B 149 -26.60 11.56 13.11
CA LEU B 149 -27.56 11.76 12.03
C LEU B 149 -28.97 11.28 12.44
N LYS B 150 -29.06 10.11 13.09
CA LYS B 150 -30.30 9.51 13.57
C LYS B 150 -30.94 10.34 14.69
N HIS B 151 -30.09 10.88 15.59
CA HIS B 151 -30.49 11.71 16.72
C HIS B 151 -31.21 12.97 16.24
N TYR B 152 -30.65 13.64 15.23
CA TYR B 152 -31.19 14.88 14.69
C TYR B 152 -32.12 14.74 13.51
N GLN B 153 -32.44 13.49 13.12
CA GLN B 153 -33.34 13.13 12.02
C GLN B 153 -32.86 13.65 10.64
N TRP B 154 -31.53 13.54 10.41
CA TRP B 154 -30.86 13.92 9.17
C TRP B 154 -30.76 12.65 8.33
N LYS B 155 -31.64 12.53 7.34
CA LYS B 155 -31.80 11.33 6.51
C LYS B 155 -31.18 11.50 5.11
N ARG B 156 -30.70 12.72 4.80
CA ARG B 156 -30.09 13.08 3.54
C ARG B 156 -28.79 13.84 3.85
N VAL B 157 -27.66 13.34 3.31
CA VAL B 157 -26.35 13.96 3.53
C VAL B 157 -25.61 14.13 2.21
N GLY B 158 -24.66 15.05 2.21
CA GLY B 158 -23.69 15.25 1.15
C GLY B 158 -22.30 14.99 1.71
N THR B 159 -21.38 14.53 0.86
CA THR B 159 -19.99 14.27 1.28
C THR B 159 -18.98 15.11 0.51
N LEU B 160 -17.95 15.56 1.24
CA LEU B 160 -16.84 16.37 0.72
C LEU B 160 -15.54 15.73 1.23
N THR B 161 -14.81 15.08 0.32
CA THR B 161 -13.59 14.35 0.62
C THR B 161 -12.38 14.85 -0.14
N GLN B 162 -11.25 14.90 0.53
CA GLN B 162 -9.97 15.20 -0.11
C GLN B 162 -9.44 13.88 -0.74
N ASP B 163 -8.91 13.97 -2.00
CA ASP B 163 -8.35 12.82 -2.75
C ASP B 163 -6.95 12.43 -2.29
N VAL B 164 -6.86 11.95 -1.04
CA VAL B 164 -5.67 11.48 -0.33
C VAL B 164 -6.17 10.25 0.45
N GLN B 165 -5.40 9.15 0.46
CA GLN B 165 -5.78 7.87 1.08
C GLN B 165 -6.38 7.97 2.49
N ARG B 166 -5.78 8.80 3.37
CA ARG B 166 -6.24 9.02 4.76
C ARG B 166 -7.73 9.35 4.85
N PHE B 167 -8.26 10.07 3.86
CA PHE B 167 -9.64 10.55 3.80
C PHE B 167 -10.59 9.71 2.98
N SER B 168 -10.12 9.17 1.85
CA SER B 168 -10.90 8.33 0.95
C SER B 168 -11.20 6.97 1.62
N GLU B 169 -10.31 6.51 2.51
CA GLU B 169 -10.52 5.30 3.32
C GLU B 169 -11.76 5.47 4.23
N VAL B 170 -11.86 6.65 4.88
CA VAL B 170 -12.96 7.04 5.75
C VAL B 170 -14.28 7.17 4.96
N ARG B 171 -14.27 7.84 3.80
CA ARG B 171 -15.47 7.99 2.95
C ARG B 171 -16.00 6.65 2.44
N ASN B 172 -15.08 5.72 2.10
CA ASN B 172 -15.37 4.36 1.60
C ASN B 172 -16.06 3.54 2.67
N ASP B 173 -15.62 3.67 3.92
CA ASP B 173 -16.21 2.98 5.06
C ASP B 173 -17.60 3.51 5.37
N LEU B 174 -17.82 4.82 5.11
CA LEU B 174 -19.09 5.46 5.39
C LEU B 174 -20.24 4.78 4.59
N THR B 175 -19.96 4.37 3.33
CA THR B 175 -20.88 3.69 2.42
C THR B 175 -21.48 2.44 3.10
N GLY B 176 -20.63 1.59 3.68
CA GLY B 176 -21.05 0.40 4.40
C GLY B 176 -21.78 0.68 5.69
N VAL B 177 -21.43 1.79 6.38
CA VAL B 177 -22.05 2.19 7.67
C VAL B 177 -23.46 2.75 7.43
N LEU B 178 -23.67 3.44 6.29
CA LEU B 178 -24.95 4.06 5.95
C LEU B 178 -25.89 3.15 5.14
N TYR B 179 -25.36 2.04 4.61
CA TYR B 179 -26.15 1.05 3.87
C TYR B 179 -27.08 0.32 4.82
N GLY B 180 -28.33 0.17 4.39
CA GLY B 180 -29.36 -0.50 5.18
C GLY B 180 -29.85 0.36 6.33
N GLU B 181 -29.50 1.64 6.27
CA GLU B 181 -29.89 2.66 7.23
C GLU B 181 -30.69 3.68 6.43
N ASP B 182 -31.55 4.39 7.10
CA ASP B 182 -32.45 5.40 6.57
C ASP B 182 -31.70 6.68 6.12
N ILE B 183 -30.50 6.55 5.53
CA ILE B 183 -29.70 7.71 5.17
C ILE B 183 -29.25 7.71 3.75
N GLU B 184 -29.55 8.80 3.06
CA GLU B 184 -29.20 8.98 1.66
C GLU B 184 -28.02 9.92 1.46
N ILE B 185 -27.05 9.49 0.61
CA ILE B 185 -25.95 10.35 0.22
C ILE B 185 -26.32 10.92 -1.16
N SER B 186 -26.99 12.08 -1.14
CA SER B 186 -27.48 12.79 -2.33
C SER B 186 -26.38 13.25 -3.25
N ASP B 187 -25.22 13.61 -2.67
CA ASP B 187 -24.10 14.10 -3.43
C ASP B 187 -22.77 13.69 -2.81
N THR B 188 -21.89 13.10 -3.63
CA THR B 188 -20.54 12.67 -3.27
C THR B 188 -19.58 13.50 -4.12
N GLU B 189 -18.81 14.36 -3.47
CA GLU B 189 -17.83 15.23 -4.13
C GLU B 189 -16.43 15.02 -3.61
N SER B 190 -15.44 14.97 -4.51
CA SER B 190 -14.01 14.80 -4.24
C SER B 190 -13.22 16.01 -4.74
N PHE B 191 -12.05 16.29 -4.12
CA PHE B 191 -11.17 17.37 -4.55
C PHE B 191 -9.73 17.00 -4.27
N SER B 192 -8.79 17.64 -4.97
CA SER B 192 -7.36 17.39 -4.77
C SER B 192 -6.70 18.60 -4.13
N ASN B 193 -6.75 19.77 -4.81
CA ASN B 193 -6.10 20.99 -4.32
C ASN B 193 -7.07 22.11 -3.94
N ASP B 194 -8.17 22.28 -4.72
CA ASP B 194 -9.15 23.34 -4.52
C ASP B 194 -10.56 22.78 -4.35
N PRO B 195 -11.23 23.05 -3.19
CA PRO B 195 -12.56 22.48 -2.94
C PRO B 195 -13.78 23.22 -3.51
N CYS B 196 -13.58 24.46 -4.00
CA CYS B 196 -14.63 25.35 -4.50
C CYS B 196 -15.62 24.83 -5.52
N THR B 197 -15.13 24.08 -6.51
CA THR B 197 -15.94 23.45 -7.56
C THR B 197 -16.92 22.47 -6.90
N SER B 198 -16.39 21.58 -6.04
CA SER B 198 -17.14 20.58 -5.29
C SER B 198 -18.13 21.21 -4.32
N VAL B 199 -17.74 22.34 -3.66
CA VAL B 199 -18.57 23.10 -2.71
C VAL B 199 -19.73 23.74 -3.47
N LYS B 200 -19.47 24.26 -4.69
CA LYS B 200 -20.52 24.84 -5.55
C LYS B 200 -21.48 23.73 -6.04
N LYS B 201 -20.96 22.52 -6.34
CA LYS B 201 -21.79 21.38 -6.76
C LYS B 201 -22.71 20.97 -5.60
N LEU B 202 -22.17 20.93 -4.36
CA LEU B 202 -22.94 20.61 -3.15
C LEU B 202 -24.08 21.61 -2.96
N LYS B 203 -23.80 22.92 -3.09
CA LYS B 203 -24.78 24.01 -2.99
C LYS B 203 -25.86 23.85 -4.07
N GLY B 204 -25.41 23.58 -5.30
CA GLY B 204 -26.25 23.36 -6.48
C GLY B 204 -27.24 22.23 -6.35
N ASN B 205 -26.86 21.17 -5.60
CA ASN B 205 -27.68 19.99 -5.36
C ASN B 205 -28.50 20.14 -4.06
N ASP B 206 -28.49 21.37 -3.49
CA ASP B 206 -29.21 21.77 -2.27
C ASP B 206 -28.87 20.92 -1.01
N VAL B 207 -27.59 20.51 -0.90
CA VAL B 207 -27.09 19.73 0.24
C VAL B 207 -27.08 20.65 1.49
N ARG B 208 -27.59 20.14 2.63
CA ARG B 208 -27.65 20.89 3.89
C ARG B 208 -26.71 20.31 4.96
N ILE B 209 -26.63 18.97 5.08
CA ILE B 209 -25.77 18.30 6.06
C ILE B 209 -24.56 17.73 5.30
N ILE B 210 -23.37 18.28 5.60
CA ILE B 210 -22.15 17.88 4.91
C ILE B 210 -21.21 17.09 5.83
N LEU B 211 -20.77 15.91 5.36
CA LEU B 211 -19.80 15.10 6.08
C LEU B 211 -18.50 15.34 5.35
N GLY B 212 -17.63 16.13 5.98
CA GLY B 212 -16.32 16.50 5.44
C GLY B 212 -15.19 15.62 5.90
N GLN B 213 -14.31 15.24 4.96
CA GLN B 213 -13.10 14.45 5.25
C GLN B 213 -11.91 15.05 4.49
N PHE B 214 -11.14 15.91 5.18
CA PHE B 214 -10.02 16.65 4.61
C PHE B 214 -9.06 17.11 5.70
N ASP B 215 -7.81 17.48 5.31
CA ASP B 215 -6.79 17.95 6.24
C ASP B 215 -7.02 19.38 6.71
N GLN B 216 -6.28 19.79 7.75
CA GLN B 216 -6.29 21.11 8.40
C GLN B 216 -6.12 22.26 7.39
N ASN B 217 -5.17 22.12 6.46
CA ASN B 217 -4.91 23.10 5.41
C ASN B 217 -6.12 23.27 4.44
N MET B 218 -6.71 22.16 4.01
CA MET B 218 -7.88 22.18 3.12
C MET B 218 -9.14 22.68 3.79
N ALA B 219 -9.26 22.47 5.11
CA ALA B 219 -10.42 22.90 5.90
C ALA B 219 -10.69 24.40 5.78
N ALA B 220 -9.62 25.22 5.87
CA ALA B 220 -9.69 26.68 5.74
C ALA B 220 -10.20 27.06 4.36
N LYS B 221 -9.76 26.32 3.32
CA LYS B 221 -10.19 26.51 1.92
C LYS B 221 -11.66 26.15 1.76
N VAL B 222 -12.09 25.03 2.38
CA VAL B 222 -13.47 24.55 2.40
C VAL B 222 -14.40 25.61 3.00
N PHE B 223 -14.05 26.15 4.19
CA PHE B 223 -14.84 27.17 4.88
C PHE B 223 -14.89 28.49 4.17
N CYS B 224 -13.85 28.82 3.37
CA CYS B 224 -13.85 30.03 2.56
C CYS B 224 -14.83 29.87 1.40
N CYS B 225 -14.80 28.71 0.73
CA CYS B 225 -15.74 28.40 -0.35
C CYS B 225 -17.16 28.37 0.20
N ALA B 226 -17.36 27.85 1.44
CA ALA B 226 -18.65 27.81 2.13
C ALA B 226 -19.19 29.23 2.38
N TYR B 227 -18.30 30.18 2.77
CA TYR B 227 -18.69 31.58 2.98
C TYR B 227 -19.16 32.24 1.67
N GLU B 228 -18.43 31.99 0.59
CA GLU B 228 -18.71 32.53 -0.75
C GLU B 228 -19.96 31.95 -1.37
N GLU B 229 -20.26 30.68 -1.04
CA GLU B 229 -21.44 29.99 -1.56
C GLU B 229 -22.62 30.07 -0.59
N ASN B 230 -22.45 30.81 0.53
CA ASN B 230 -23.46 30.97 1.59
C ASN B 230 -23.95 29.62 2.18
N MET B 231 -23.03 28.63 2.26
CA MET B 231 -23.28 27.29 2.78
C MET B 231 -22.95 27.24 4.27
N TYR B 232 -23.49 28.21 5.02
CA TYR B 232 -23.32 28.33 6.47
C TYR B 232 -24.58 28.95 7.10
N GLY B 233 -24.65 28.91 8.43
CA GLY B 233 -25.77 29.43 9.20
C GLY B 233 -26.82 28.39 9.53
N SER B 234 -28.01 28.87 9.88
CA SER B 234 -29.17 28.08 10.30
C SER B 234 -29.56 26.87 9.44
N LYS B 235 -29.39 26.95 8.12
CA LYS B 235 -29.78 25.88 7.21
C LYS B 235 -28.69 24.80 6.99
N TYR B 236 -27.47 25.02 7.50
CA TYR B 236 -26.34 24.12 7.27
C TYR B 236 -25.67 23.53 8.50
N GLN B 237 -25.25 22.26 8.35
CA GLN B 237 -24.47 21.53 9.33
C GLN B 237 -23.29 20.83 8.67
N TRP B 238 -22.07 21.28 9.03
CA TRP B 238 -20.79 20.72 8.60
C TRP B 238 -20.28 19.82 9.70
N ILE B 239 -20.03 18.54 9.35
CA ILE B 239 -19.51 17.51 10.26
C ILE B 239 -18.17 17.12 9.71
N ILE B 240 -17.10 17.58 10.37
CA ILE B 240 -15.74 17.42 9.86
C ILE B 240 -14.78 16.76 10.86
N PRO B 241 -13.49 16.50 10.50
CA PRO B 241 -12.54 15.92 11.48
C PRO B 241 -12.36 16.81 12.72
N GLY B 242 -12.16 16.18 13.88
CA GLY B 242 -11.98 16.88 15.16
C GLY B 242 -10.57 16.82 15.72
N TRP B 243 -9.63 16.37 14.88
CA TRP B 243 -8.25 16.21 15.29
C TRP B 243 -7.33 17.39 14.92
N TYR B 244 -7.87 18.47 14.34
CA TYR B 244 -7.01 19.60 13.96
C TYR B 244 -6.39 20.26 15.20
N GLU B 245 -5.23 20.92 15.00
CA GLU B 245 -4.54 21.65 16.09
C GLU B 245 -5.34 22.86 16.56
N PRO B 246 -5.23 23.31 17.83
CA PRO B 246 -6.02 24.50 18.25
C PRO B 246 -5.58 25.73 17.45
N SER B 247 -6.53 26.66 17.18
CA SER B 247 -6.31 27.90 16.42
C SER B 247 -5.80 27.65 14.98
N TRP B 248 -6.12 26.44 14.44
CA TRP B 248 -5.74 25.96 13.11
C TRP B 248 -6.08 26.92 11.96
N TRP B 249 -7.15 27.70 12.14
CA TRP B 249 -7.65 28.65 11.14
C TRP B 249 -6.81 29.94 11.06
N GLU B 250 -6.30 30.38 12.23
CA GLU B 250 -5.47 31.58 12.39
C GLU B 250 -4.13 31.46 11.66
N GLN B 251 -3.50 30.27 11.73
CA GLN B 251 -2.20 29.94 11.14
C GLN B 251 -2.04 30.31 9.66
N SER B 259 -7.22 32.40 0.38
CA SER B 259 -6.51 33.68 0.30
C SER B 259 -7.49 34.84 0.10
N ARG B 260 -8.61 34.60 -0.60
CA ARG B 260 -9.62 35.63 -0.87
C ARG B 260 -10.47 36.02 0.35
N CYS B 261 -10.68 35.09 1.30
CA CYS B 261 -11.49 35.34 2.48
C CYS B 261 -10.76 36.10 3.58
N LEU B 262 -11.54 36.81 4.40
CA LEU B 262 -11.09 37.51 5.59
C LEU B 262 -11.33 36.56 6.78
N ARG B 263 -10.54 36.71 7.85
CA ARG B 263 -10.64 35.88 9.06
C ARG B 263 -12.05 35.88 9.65
N LYS B 264 -12.72 37.05 9.69
CA LYS B 264 -14.10 37.18 10.20
C LYS B 264 -15.11 36.38 9.34
N ASN B 265 -14.87 36.31 8.02
CA ASN B 265 -15.72 35.61 7.05
C ASN B 265 -15.54 34.11 7.13
N LEU B 266 -14.32 33.67 7.50
CA LEU B 266 -13.96 32.26 7.69
C LEU B 266 -14.63 31.76 8.97
N LEU B 267 -14.54 32.55 10.06
CA LEU B 267 -15.14 32.26 11.36
C LEU B 267 -16.67 32.20 11.32
N ALA B 268 -17.31 33.05 10.47
CA ALA B 268 -18.76 33.09 10.27
C ALA B 268 -19.24 31.79 9.61
N ALA B 269 -18.46 31.29 8.62
CA ALA B 269 -18.73 30.05 7.91
C ALA B 269 -18.39 28.81 8.77
N MET B 270 -17.38 28.94 9.65
CA MET B 270 -16.91 27.88 10.57
C MET B 270 -17.86 27.68 11.73
N GLU B 271 -18.63 28.74 12.11
CA GLU B 271 -19.56 28.71 13.24
C GLU B 271 -20.52 27.54 13.17
N GLY B 272 -20.53 26.76 14.25
CA GLY B 272 -21.41 25.62 14.42
C GLY B 272 -20.93 24.28 13.87
N TYR B 273 -19.73 24.21 13.25
CA TYR B 273 -19.25 22.93 12.70
C TYR B 273 -19.09 21.87 13.78
N ILE B 274 -19.40 20.63 13.43
CA ILE B 274 -19.21 19.53 14.37
C ILE B 274 -17.92 18.81 14.01
N GLY B 275 -17.03 18.69 15.00
CA GLY B 275 -15.76 18.00 14.87
C GLY B 275 -15.87 16.63 15.50
N VAL B 276 -15.32 15.60 14.85
CA VAL B 276 -15.41 14.22 15.34
C VAL B 276 -14.03 13.61 15.44
N ASP B 277 -13.74 12.99 16.60
CA ASP B 277 -12.44 12.35 16.85
C ASP B 277 -12.57 11.41 18.02
N PHE B 278 -11.58 10.54 18.24
CA PHE B 278 -11.56 9.67 19.40
C PHE B 278 -11.43 10.49 20.69
N GLU B 279 -11.94 9.97 21.80
CA GLU B 279 -11.88 10.63 23.09
C GLU B 279 -10.52 10.30 23.74
N PRO B 280 -9.64 11.30 24.03
CA PRO B 280 -8.35 10.99 24.68
C PRO B 280 -8.44 10.28 26.05
N LEU B 281 -9.36 10.74 26.95
CA LEU B 281 -9.56 10.13 28.26
C LEU B 281 -11.04 10.06 28.62
N SER B 282 -11.42 9.09 29.49
CA SER B 282 -12.80 8.93 29.94
C SER B 282 -13.25 10.12 30.82
N SER B 283 -14.48 10.63 30.56
CA SER B 283 -15.05 11.74 31.33
C SER B 283 -15.71 11.25 32.63
N LYS B 284 -15.88 9.91 32.78
CA LYS B 284 -16.49 9.24 33.94
C LYS B 284 -15.57 9.30 35.16
N GLN B 285 -16.05 9.89 36.26
CA GLN B 285 -15.30 9.99 37.52
C GLN B 285 -15.42 8.68 38.32
N ILE B 286 -15.03 7.55 37.69
CA ILE B 286 -15.08 6.19 38.24
C ILE B 286 -13.66 5.59 38.33
N LYS B 287 -13.40 4.81 39.40
CA LYS B 287 -12.12 4.12 39.62
C LYS B 287 -11.85 3.13 38.47
N THR B 288 -10.66 3.20 37.84
CA THR B 288 -10.26 2.30 36.76
C THR B 288 -9.49 1.10 37.36
N ILE B 289 -9.03 0.15 36.49
CA ILE B 289 -8.27 -1.05 36.87
C ILE B 289 -7.08 -0.77 37.83
N SER B 290 -6.50 0.42 37.73
CA SER B 290 -5.38 0.85 38.58
C SER B 290 -5.81 1.42 39.95
N GLY B 291 -7.11 1.51 40.18
CA GLY B 291 -7.65 2.11 41.40
C GLY B 291 -7.80 3.62 41.32
N LYS B 292 -7.21 4.25 40.29
CA LYS B 292 -7.30 5.70 40.05
C LYS B 292 -8.43 6.04 39.08
N THR B 293 -9.01 7.24 39.21
CA THR B 293 -10.05 7.72 38.29
C THR B 293 -9.28 8.29 37.06
N PRO B 294 -9.92 8.45 35.87
CA PRO B 294 -9.19 9.02 34.73
C PRO B 294 -8.59 10.38 35.03
N GLN B 295 -9.29 11.18 35.86
CA GLN B 295 -8.91 12.53 36.32
C GLN B 295 -7.66 12.49 37.20
N GLN B 296 -7.59 11.50 38.12
CA GLN B 296 -6.45 11.28 39.02
C GLN B 296 -5.23 10.88 38.20
N TYR B 297 -5.40 9.91 37.27
CA TYR B 297 -4.37 9.49 36.33
C TYR B 297 -3.82 10.70 35.52
N GLU B 298 -4.73 11.54 34.99
CA GLU B 298 -4.33 12.70 34.20
C GLU B 298 -3.37 13.66 34.98
N ARG B 299 -3.63 13.86 36.31
CA ARG B 299 -2.81 14.71 37.21
C ARG B 299 -1.46 14.03 37.41
N GLU B 300 -1.47 12.72 37.69
CA GLU B 300 -0.25 11.94 37.86
C GLU B 300 0.64 11.99 36.60
N TYR B 301 0.01 11.89 35.38
CA TYR B 301 0.68 11.95 34.07
C TYR B 301 1.31 13.32 33.88
N ASN B 302 0.52 14.39 34.10
CA ASN B 302 0.95 15.78 33.94
C ASN B 302 2.16 16.14 34.85
N ASN B 303 2.25 15.53 36.04
CA ASN B 303 3.35 15.74 36.97
C ASN B 303 4.59 15.01 36.46
N LYS B 304 4.45 13.72 36.07
CA LYS B 304 5.53 12.85 35.55
C LYS B 304 6.16 13.35 34.24
N ARG B 305 5.35 13.94 33.35
CA ARG B 305 5.85 14.39 32.06
C ARG B 305 6.91 15.47 32.08
N SER B 306 6.87 16.37 33.10
CA SER B 306 7.79 17.49 33.27
C SER B 306 7.78 18.40 32.03
N GLY B 307 8.94 18.64 31.42
CA GLY B 307 9.07 19.46 30.23
C GLY B 307 8.56 18.80 28.95
N VAL B 308 8.36 17.47 28.96
CA VAL B 308 7.88 16.76 27.77
C VAL B 308 6.42 17.08 27.43
N GLY B 309 6.23 17.63 26.23
CA GLY B 309 4.92 18.01 25.70
C GLY B 309 3.92 16.86 25.76
N PRO B 310 2.68 17.11 26.24
CA PRO B 310 1.73 16.00 26.33
C PRO B 310 1.30 15.46 24.96
N SER B 311 0.91 14.18 24.93
CA SER B 311 0.40 13.52 23.72
C SER B 311 -1.01 13.01 23.99
N LYS B 312 -1.96 13.20 23.03
CA LYS B 312 -3.34 12.70 23.10
C LYS B 312 -3.46 11.14 23.17
N PHE B 313 -2.38 10.42 22.84
CA PHE B 313 -2.32 8.95 22.88
C PHE B 313 -1.80 8.41 24.22
N HIS B 314 -1.51 9.29 25.20
CA HIS B 314 -0.98 8.88 26.51
C HIS B 314 -1.85 7.89 27.29
N GLY B 315 -3.15 8.14 27.33
CA GLY B 315 -4.10 7.24 27.98
C GLY B 315 -4.20 5.90 27.29
N TYR B 316 -4.02 5.87 25.94
CA TYR B 316 -4.05 4.65 25.12
C TYR B 316 -2.77 3.89 25.34
N ALA B 317 -1.65 4.60 25.51
CA ALA B 317 -0.37 3.97 25.85
C ALA B 317 -0.45 3.39 27.27
N TYR B 318 -1.03 4.17 28.24
CA TYR B 318 -1.25 3.73 29.62
C TYR B 318 -2.12 2.46 29.69
N ASP B 319 -3.31 2.50 29.09
CA ASP B 319 -4.20 1.32 29.03
C ASP B 319 -3.57 0.17 28.25
N GLY B 320 -2.71 0.49 27.25
CA GLY B 320 -1.96 -0.50 26.48
C GLY B 320 -1.09 -1.38 27.35
N ILE B 321 -0.33 -0.76 28.31
CA ILE B 321 0.52 -1.47 29.28
C ILE B 321 -0.31 -2.39 30.15
N TRP B 322 -1.50 -1.93 30.59
CA TRP B 322 -2.43 -2.75 31.38
C TRP B 322 -2.98 -3.94 30.58
N VAL B 323 -3.24 -3.77 29.26
CA VAL B 323 -3.70 -4.83 28.35
C VAL B 323 -2.65 -5.93 28.26
N ILE B 324 -1.38 -5.55 28.21
CA ILE B 324 -0.24 -6.48 28.12
C ILE B 324 -0.10 -7.30 29.41
N ALA B 325 -0.05 -6.62 30.57
CA ALA B 325 0.05 -7.23 31.91
C ALA B 325 -1.09 -8.18 32.19
N LYS B 326 -2.31 -7.79 31.82
CA LYS B 326 -3.51 -8.64 31.99
C LYS B 326 -3.50 -9.82 31.03
N THR B 327 -2.94 -9.63 29.80
CA THR B 327 -2.81 -10.67 28.79
C THR B 327 -1.78 -11.69 29.28
N LEU B 328 -0.62 -11.22 29.79
CA LEU B 328 0.44 -12.08 30.32
C LEU B 328 -0.06 -12.92 31.49
N GLN B 329 -0.85 -12.29 32.40
CA GLN B 329 -1.49 -12.94 33.55
C GLN B 329 -2.34 -14.14 33.09
N ARG B 330 -3.25 -13.90 32.10
CA ARG B 330 -4.13 -14.92 31.49
C ARG B 330 -3.32 -16.02 30.82
N ALA B 331 -2.20 -15.65 30.17
CA ALA B 331 -1.32 -16.58 29.48
C ALA B 331 -0.62 -17.48 30.52
N MET B 332 -0.12 -16.89 31.63
CA MET B 332 0.53 -17.59 32.75
C MET B 332 -0.43 -18.61 33.37
N GLU B 333 -1.71 -18.25 33.50
CA GLU B 333 -2.76 -19.13 34.04
C GLU B 333 -2.99 -20.32 33.12
N THR B 334 -3.03 -20.08 31.79
CA THR B 334 -3.27 -21.10 30.76
C THR B 334 -2.15 -22.14 30.73
N LEU B 335 -0.92 -21.69 30.97
CA LEU B 335 0.25 -22.56 31.03
C LEU B 335 0.27 -23.35 32.34
N HIS B 336 -0.21 -22.71 33.45
CA HIS B 336 -0.31 -23.33 34.76
C HIS B 336 -1.47 -24.33 34.83
N ALA B 337 -2.53 -24.11 34.00
CA ALA B 337 -3.70 -24.99 33.87
C ALA B 337 -3.32 -26.33 33.22
N SER B 338 -2.11 -26.43 32.64
CA SER B 338 -1.56 -27.62 32.02
C SER B 338 -0.41 -28.16 32.87
N ILE B 344 7.35 -20.09 30.18
CA ILE B 344 7.48 -18.83 29.45
C ILE B 344 8.92 -18.63 28.97
N GLN B 345 9.90 -18.97 29.82
CA GLN B 345 11.35 -18.87 29.56
C GLN B 345 11.80 -19.48 28.21
N ASP B 346 11.32 -20.71 27.91
CA ASP B 346 11.65 -21.45 26.69
C ASP B 346 11.11 -20.84 25.39
N PHE B 347 10.18 -19.85 25.50
CA PHE B 347 9.63 -19.16 24.32
C PHE B 347 10.69 -18.40 23.54
N ASN B 348 10.83 -18.82 22.32
CA ASN B 348 11.62 -18.20 21.29
C ASN B 348 10.54 -17.94 20.27
N TYR B 349 10.83 -17.10 19.27
CA TYR B 349 9.87 -16.75 18.22
C TYR B 349 9.38 -17.95 17.38
N THR B 350 9.75 -19.16 17.84
CA THR B 350 9.50 -20.51 17.32
C THR B 350 8.17 -21.10 17.86
N ASP B 351 7.85 -20.81 19.14
CA ASP B 351 6.66 -21.31 19.82
C ASP B 351 5.35 -20.72 19.24
N HIS B 352 4.75 -21.47 18.30
CA HIS B 352 3.47 -21.10 17.68
C HIS B 352 2.37 -21.17 18.74
N THR B 353 2.45 -22.18 19.64
CA THR B 353 1.47 -22.41 20.70
C THR B 353 1.33 -21.23 21.66
N LEU B 354 2.44 -20.73 22.22
CA LEU B 354 2.44 -19.58 23.13
C LEU B 354 1.95 -18.30 22.45
N GLY B 355 2.31 -18.09 21.19
CA GLY B 355 1.83 -16.97 20.40
C GLY B 355 0.31 -17.00 20.30
N ARG B 356 -0.26 -18.19 20.13
CA ARG B 356 -1.71 -18.45 20.03
C ARG B 356 -2.39 -18.26 21.40
N ILE B 357 -1.69 -18.63 22.50
CA ILE B 357 -2.14 -18.47 23.89
C ILE B 357 -2.27 -16.95 24.17
N ILE B 358 -1.19 -16.19 23.93
CA ILE B 358 -1.10 -14.73 24.05
C ILE B 358 -2.19 -14.08 23.16
N LEU B 359 -2.35 -14.58 21.92
CA LEU B 359 -3.37 -14.11 20.97
C LEU B 359 -4.79 -14.25 21.52
N ASN B 360 -5.14 -15.45 22.03
CA ASN B 360 -6.45 -15.76 22.62
C ASN B 360 -6.68 -14.99 23.92
N ALA B 361 -5.63 -14.78 24.74
CA ALA B 361 -5.69 -14.04 26.00
C ALA B 361 -6.02 -12.54 25.77
N MET B 362 -5.43 -11.92 24.71
CA MET B 362 -5.64 -10.51 24.36
C MET B 362 -7.03 -10.30 23.82
N ASN B 363 -7.59 -11.31 23.18
CA ASN B 363 -8.93 -11.25 22.66
C ASN B 363 -10.00 -11.28 23.77
N GLU B 364 -9.60 -11.70 24.99
CA GLU B 364 -10.44 -11.78 26.20
C GLU B 364 -10.46 -10.44 26.96
N THR B 365 -9.66 -9.45 26.51
CA THR B 365 -9.51 -8.14 27.18
C THR B 365 -10.82 -7.42 27.42
N ASN B 366 -11.12 -7.17 28.71
CA ASN B 366 -12.33 -6.50 29.17
C ASN B 366 -12.16 -5.92 30.57
N PHE B 367 -11.77 -4.65 30.61
CA PHE B 367 -11.58 -3.90 31.84
C PHE B 367 -11.88 -2.41 31.57
N PHE B 368 -12.13 -1.65 32.66
CA PHE B 368 -12.38 -0.22 32.57
C PHE B 368 -11.06 0.47 32.83
N GLY B 369 -10.58 1.15 31.80
CA GLY B 369 -9.30 1.85 31.82
C GLY B 369 -9.53 3.35 31.75
N VAL B 370 -8.42 4.10 31.73
CA VAL B 370 -8.40 5.58 31.66
C VAL B 370 -9.06 6.15 30.41
N THR B 371 -9.16 5.35 29.32
CA THR B 371 -9.78 5.76 28.05
C THR B 371 -11.20 5.24 27.93
N GLY B 372 -11.65 4.60 28.99
CA GLY B 372 -12.96 3.99 29.10
C GLY B 372 -12.78 2.49 29.19
N GLN B 373 -13.82 1.76 28.83
CA GLN B 373 -13.84 0.30 28.83
C GLN B 373 -12.95 -0.18 27.71
N VAL B 374 -11.88 -0.91 28.05
CA VAL B 374 -10.93 -1.48 27.07
C VAL B 374 -11.38 -2.89 26.62
N VAL B 375 -11.97 -2.96 25.40
CA VAL B 375 -12.50 -4.16 24.76
C VAL B 375 -12.14 -4.10 23.27
N PHE B 376 -11.83 -5.28 22.68
CA PHE B 376 -11.49 -5.45 21.27
C PHE B 376 -12.56 -6.21 20.52
N ARG B 377 -12.75 -5.88 19.26
CA ARG B 377 -13.66 -6.54 18.38
C ARG B 377 -12.84 -6.81 17.10
N ASN B 378 -12.25 -8.02 17.03
CA ASN B 378 -11.39 -8.43 15.92
C ASN B 378 -10.13 -7.51 15.82
N GLY B 379 -9.47 -7.33 16.95
CA GLY B 379 -8.25 -6.54 17.10
C GLY B 379 -8.45 -5.04 17.10
N GLU B 380 -9.68 -4.59 16.79
CA GLU B 380 -10.11 -3.21 16.75
C GLU B 380 -10.66 -2.78 18.09
N ARG B 381 -10.28 -1.58 18.56
CA ARG B 381 -10.84 -1.01 19.79
C ARG B 381 -12.30 -0.51 19.61
N MET B 382 -13.15 -0.95 20.53
CA MET B 382 -14.51 -0.47 20.73
C MET B 382 -14.31 0.55 21.83
N GLY B 383 -14.26 1.84 21.47
CA GLY B 383 -13.99 2.89 22.44
C GLY B 383 -14.96 4.05 22.43
N THR B 384 -14.42 5.25 22.70
CA THR B 384 -15.22 6.45 22.77
C THR B 384 -14.86 7.48 21.69
N ILE B 385 -15.90 8.02 21.03
CA ILE B 385 -15.80 9.06 20.03
C ILE B 385 -16.35 10.37 20.59
N LYS B 386 -15.51 11.43 20.55
CA LYS B 386 -15.77 12.77 21.00
C LYS B 386 -16.42 13.63 19.91
N PHE B 387 -17.48 14.37 20.26
CA PHE B 387 -18.08 15.37 19.39
C PHE B 387 -17.76 16.75 19.96
N THR B 388 -17.33 17.63 19.09
CA THR B 388 -17.01 19.01 19.43
C THR B 388 -17.81 19.89 18.50
N GLN B 389 -18.03 21.15 18.91
CA GLN B 389 -18.70 22.14 18.08
C GLN B 389 -17.94 23.47 18.15
N PHE B 390 -17.66 24.07 16.96
CA PHE B 390 -16.98 25.36 16.88
C PHE B 390 -17.93 26.45 17.35
N GLN B 391 -17.62 27.03 18.52
CA GLN B 391 -18.43 28.07 19.16
C GLN B 391 -17.64 29.35 19.40
N ASP B 392 -17.81 30.34 18.48
CA ASP B 392 -17.19 31.67 18.42
C ASP B 392 -15.68 31.70 18.24
N SER B 393 -14.94 31.09 19.15
CA SER B 393 -13.49 31.16 19.14
C SER B 393 -12.77 29.82 19.20
N ARG B 394 -13.48 28.76 19.62
CA ARG B 394 -12.88 27.42 19.76
C ARG B 394 -13.89 26.26 19.68
N GLU B 395 -13.34 25.03 19.64
CA GLU B 395 -14.12 23.80 19.66
C GLU B 395 -14.50 23.51 21.12
N VAL B 396 -15.78 23.23 21.34
CA VAL B 396 -16.36 22.93 22.66
C VAL B 396 -16.93 21.50 22.61
N LYS B 397 -16.63 20.66 23.64
CA LYS B 397 -17.18 19.30 23.70
C LYS B 397 -18.70 19.34 23.80
N VAL B 398 -19.41 18.71 22.83
CA VAL B 398 -20.87 18.67 22.78
C VAL B 398 -21.49 17.29 23.02
N GLY B 399 -20.66 16.26 23.03
CA GLY B 399 -21.16 14.90 23.25
C GLY B 399 -20.15 13.81 23.06
N GLU B 400 -20.55 12.58 23.37
CA GLU B 400 -19.74 11.40 23.22
C GLU B 400 -20.51 10.18 22.77
N TYR B 401 -19.87 9.35 21.93
CA TYR B 401 -20.39 8.10 21.42
C TYR B 401 -19.61 6.93 22.03
N ASN B 402 -20.35 6.02 22.67
CA ASN B 402 -19.88 4.79 23.27
C ASN B 402 -20.09 3.71 22.21
N ALA B 403 -18.99 3.22 21.61
CA ALA B 403 -19.01 2.21 20.56
C ALA B 403 -19.44 0.82 21.03
N VAL B 404 -19.15 0.46 22.30
CA VAL B 404 -19.55 -0.83 22.94
C VAL B 404 -21.09 -0.93 23.00
N ALA B 405 -21.73 0.08 23.59
CA ALA B 405 -23.18 0.19 23.73
C ALA B 405 -23.88 0.69 22.46
N ASP B 406 -23.12 1.24 21.48
CA ASP B 406 -23.64 1.90 20.27
C ASP B 406 -24.64 3.02 20.65
N THR B 407 -24.26 3.82 21.65
CA THR B 407 -25.08 4.90 22.18
C THR B 407 -24.40 6.27 22.08
N LEU B 408 -25.21 7.30 21.97
CA LEU B 408 -24.76 8.69 21.90
C LEU B 408 -25.36 9.49 23.05
N GLU B 409 -24.52 10.34 23.68
CA GLU B 409 -24.92 11.25 24.75
C GLU B 409 -24.51 12.66 24.35
N ILE B 410 -25.50 13.50 24.06
CA ILE B 410 -25.31 14.91 23.72
C ILE B 410 -25.39 15.74 25.00
N ILE B 411 -24.40 16.60 25.23
CA ILE B 411 -24.36 17.49 26.39
C ILE B 411 -25.47 18.55 26.25
N ASN B 412 -26.48 18.44 27.15
CA ASN B 412 -27.72 19.21 27.27
C ASN B 412 -27.74 20.67 26.82
N ASP B 413 -27.00 21.54 27.51
CA ASP B 413 -26.98 22.97 27.16
C ASP B 413 -25.60 23.47 26.67
N THR B 414 -25.04 22.80 25.65
CA THR B 414 -23.76 23.18 25.02
C THR B 414 -23.99 23.30 23.52
N ILE B 415 -24.42 22.20 22.84
CA ILE B 415 -24.70 22.18 21.39
C ILE B 415 -25.74 23.24 21.00
N ARG B 416 -25.43 24.04 19.99
CA ARG B 416 -26.33 25.11 19.59
C ARG B 416 -26.54 25.26 18.09
N PHE B 417 -27.69 25.84 17.71
CA PHE B 417 -28.04 26.10 16.33
C PHE B 417 -28.46 27.56 16.17
N GLN B 418 -28.16 28.14 15.00
CA GLN B 418 -28.47 29.53 14.67
C GLN B 418 -29.98 29.78 14.51
N GLY B 419 -30.74 28.74 14.16
CA GLY B 419 -32.20 28.80 14.02
C GLY B 419 -32.94 28.32 15.25
N SER B 420 -34.28 28.36 15.21
CA SER B 420 -35.19 27.93 16.29
C SER B 420 -35.12 26.41 16.53
N GLU B 421 -34.81 25.66 15.45
CA GLU B 421 -34.68 24.21 15.41
C GLU B 421 -33.31 23.83 14.78
N PRO B 422 -32.78 22.59 14.94
CA PRO B 422 -31.57 22.22 14.19
C PRO B 422 -31.91 22.20 12.69
N PRO B 423 -30.95 22.39 11.75
CA PRO B 423 -31.32 22.42 10.32
C PRO B 423 -32.04 21.18 9.81
N LYS B 424 -32.84 21.37 8.73
CA LYS B 424 -33.53 20.30 8.02
C LYS B 424 -32.58 19.83 6.93
N ASP B 425 -32.64 18.54 6.60
CA ASP B 425 -31.76 17.92 5.59
C ASP B 425 -32.04 18.26 4.10
N ASP B 426 -33.14 18.97 3.80
CA ASP B 426 -33.50 19.32 2.42
C ASP B 426 -34.19 20.68 2.32
C1 NAG C . 28.85 -21.76 -30.01
C2 NAG C . 30.31 -22.13 -29.72
C3 NAG C . 30.80 -22.61 -31.04
C4 NAG C . 30.04 -23.90 -31.30
C5 NAG C . 28.51 -23.75 -31.26
C6 NAG C . 28.04 -24.73 -30.26
C7 NAG C . 31.89 -20.83 -28.31
C8 NAG C . 32.03 -22.03 -27.41
N2 NAG C . 31.05 -20.92 -29.39
O3 NAG C . 32.22 -22.76 -30.94
O4 NAG C . 30.37 -24.00 -32.64
O5 NAG C . 27.99 -22.58 -30.73
O6 NAG C . 27.34 -25.61 -31.14
O7 NAG C . 32.48 -19.79 -28.09
C1 NAG C . 31.19 -25.73 -32.87
C2 NAG C . 30.99 -26.01 -34.36
C3 NAG C . 31.61 -27.33 -34.54
C4 NAG C . 33.04 -27.15 -34.03
C5 NAG C . 33.33 -26.47 -32.68
C6 NAG C . 34.74 -25.89 -32.68
C7 NAG C . 28.94 -24.90 -35.06
C8 NAG C . 27.54 -25.19 -35.50
N2 NAG C . 29.62 -26.02 -34.78
O3 NAG C . 31.54 -27.70 -35.95
O4 NAG C . 33.29 -28.48 -33.70
O5 NAG C . 32.51 -25.36 -32.51
O6 NAG C . 35.66 -26.66 -33.47
O7 NAG C . 29.42 -23.77 -34.96
C1 MAN C . 34.61 -29.15 -34.83
C2 MAN C . 35.60 -29.98 -34.09
C3 MAN C . 36.90 -29.40 -34.56
C4 MAN C . 37.08 -29.39 -36.10
C5 MAN C . 35.94 -28.54 -36.72
C6 MAN C . 35.09 -29.55 -37.46
O2 MAN C . 35.42 -31.34 -34.57
O3 MAN C . 37.78 -30.38 -34.10
O4 MAN C . 38.38 -28.95 -36.46
O5 MAN C . 35.10 -28.03 -35.66
O6 MAN C . 33.70 -29.45 -37.01
C1 FUC C . 27.09 -27.09 -30.08
C2 FUC C . 28.06 -28.25 -29.75
C3 FUC C . 28.07 -28.51 -28.24
C4 FUC C . 26.68 -28.24 -27.58
C5 FUC C . 26.27 -26.74 -27.84
C6 FUC C . 24.91 -26.36 -27.26
O2 FUC C . 29.41 -28.23 -30.36
O3 FUC C . 28.46 -29.90 -28.05
O4 FUC C . 25.73 -29.19 -28.16
O5 FUC C . 26.02 -26.60 -29.23
C1 NAG D . -12.86 -13.47 21.00
C2 NAG D . -13.05 -14.93 21.28
C3 NAG D . -14.27 -15.04 20.44
C4 NAG D . -15.24 -14.09 21.18
C5 NAG D . -14.84 -12.61 21.24
C6 NAG D . -15.79 -11.80 22.06
C7 NAG D . -10.94 -16.24 21.98
C8 NAG D . -10.88 -15.51 23.35
N2 NAG D . -11.96 -15.91 21.05
O3 NAG D . -14.65 -16.42 20.43
O4 NAG D . -16.39 -14.08 20.36
O5 NAG D . -13.59 -12.68 21.88
O6 NAG D . -15.62 -12.42 23.28
O7 NAG D . -10.10 -17.09 21.68
C1 FUC D . -16.49 -11.65 24.76
C2 FUC D . -16.38 -12.72 25.89
C3 FUC D . -15.03 -12.62 26.59
C4 FUC D . -14.65 -11.14 26.90
C5 FUC D . -14.56 -10.35 25.58
C6 FUC D . -14.23 -8.88 25.76
O2 FUC D . -16.60 -14.08 25.42
O3 FUC D . -15.14 -13.41 27.78
O4 FUC D . -15.60 -10.60 27.86
O5 FUC D . -15.82 -10.38 24.87
O1 2BX E . 5.24 -7.35 -11.20
C1 2BX E . 5.17 -8.52 -10.78
O2 2BX E . 5.17 -8.67 -9.46
C2 2BX E . 5.11 -9.74 -11.67
C3 2BX E . 5.27 -9.36 -13.14
C6 2BX E . 5.83 -10.55 -13.94
N 2BX E . 5.52 -10.40 -15.36
C5 2BX E . 4.28 -9.79 -15.86
C8 2BX E . 4.51 -9.37 -17.31
C7 2BX E . 3.10 -10.77 -15.78
C4 2BX E . 3.95 -8.54 -15.02
O3 2BX E . 4.00 -8.88 -13.61
C1 NAG F . 36.15 -9.98 -17.14
C2 NAG F . 35.80 -9.95 -18.59
C3 NAG F . 37.20 -10.05 -19.17
C4 NAG F . 38.07 -8.89 -18.59
C5 NAG F . 38.11 -8.90 -17.04
C6 NAG F . 38.84 -7.65 -16.50
C7 NAG F . 33.91 -10.54 -19.88
C8 NAG F . 33.03 -11.59 -20.40
N2 NAG F . 34.89 -10.97 -19.07
O3 NAG F . 37.10 -9.93 -20.58
O4 NAG F . 39.38 -9.12 -19.06
O5 NAG F . 36.78 -8.79 -16.64
O6 NAG F . 38.19 -6.43 -16.89
O7 NAG F . 33.76 -9.36 -20.17
#